data_4ZTB
#
_entry.id   4ZTB
#
_cell.length_a   87.040
_cell.length_b   158.960
_cell.length_c   158.880
_cell.angle_alpha   90.00
_cell.angle_beta   90.00
_cell.angle_gamma   90.00
#
_symmetry.space_group_name_H-M   'P 21 21 21'
#
loop_
_entity.id
_entity.type
_entity.pdbx_description
1 polymer 'Protease nsP2'
2 non-polymer GLYCEROL
3 water water
#
_entity_poly.entity_id   1
_entity_poly.type   'polypeptide(L)'
_entity_poly.pdbx_seq_one_letter_code
;FQNKANVCWAKSLVPILETAGIKLNDRQWSQIIQAFKEDKAYSPEVALNEICTRMYGVDLDSGLFSKPLVSVYYADNHWD
NRPGGKMFGFNPEAASILERKYPFTKGKWNINKQICVTTRRIEDFNPTTNIIPANRRLPHSLVAEHRPVKGERMEWLVNK
INGHHVLLVSGYNLALPTKRVTWVAPLGVRGADYTYNLELGLPATLGRYDLVVINIHTPFRIHHYQQCVDHAMKLQMLGG
DSLRLLKPGGSLLIRAYGYADRTSERVICVLGRKFRSSRALKPPCVTSNTEMFFLFSNFDNGRRNFTTHVMNNQLNAAFV
G
;
_entity_poly.pdbx_strand_id   A,B,C,D
#
# COMPACT_ATOMS: atom_id res chain seq x y z
N PHE A 1 -33.69 -5.40 8.97
CA PHE A 1 -32.94 -4.66 10.10
C PHE A 1 -33.29 -5.17 11.51
N GLN A 2 -33.41 -6.49 11.66
CA GLN A 2 -33.83 -7.13 12.90
C GLN A 2 -32.78 -6.99 14.04
N ASN A 3 -33.26 -6.72 15.27
CA ASN A 3 -32.44 -6.54 16.46
C ASN A 3 -31.32 -5.42 16.35
N LYS A 4 -31.69 -4.30 15.72
CA LYS A 4 -30.83 -3.12 15.54
C LYS A 4 -31.62 -1.90 16.04
N ALA A 5 -31.11 -1.20 17.04
CA ALA A 5 -31.77 -0.02 17.63
C ALA A 5 -31.33 1.36 17.10
N ASN A 6 -30.09 1.46 16.61
CA ASN A 6 -29.50 2.75 16.17
C ASN A 6 -29.20 2.88 14.65
N VAL A 7 -29.92 2.12 13.83
CA VAL A 7 -29.67 2.06 12.34
C VAL A 7 -30.72 2.83 11.48
N CYS A 8 -31.36 3.87 12.06
CA CYS A 8 -32.32 4.72 11.33
C CYS A 8 -31.68 5.27 10.02
N TRP A 9 -30.40 5.63 10.10
CA TRP A 9 -29.56 6.04 8.94
C TRP A 9 -29.52 4.98 7.80
N ALA A 10 -29.47 3.69 8.16
CA ALA A 10 -29.50 2.56 7.20
C ALA A 10 -30.89 2.42 6.57
N LYS A 11 -31.93 2.52 7.41
CA LYS A 11 -33.33 2.52 6.93
C LYS A 11 -33.57 3.67 5.93
N SER A 12 -32.95 4.84 6.20
CA SER A 12 -33.06 6.03 5.32
C SER A 12 -32.53 5.83 3.91
N LEU A 13 -31.57 4.90 3.75
CA LEU A 13 -30.98 4.59 2.44
C LEU A 13 -31.72 3.54 1.61
N VAL A 14 -32.53 2.62 2.19
CA VAL A 14 -33.27 1.60 1.31
C VAL A 14 -33.93 2.20 0.10
N PRO A 15 -34.71 3.31 0.28
CA PRO A 15 -35.37 3.95 -0.86
C PRO A 15 -34.37 4.50 -1.90
N ILE A 16 -33.23 5.02 -1.46
CA ILE A 16 -32.17 5.52 -2.36
C ILE A 16 -31.49 4.36 -3.10
N LEU A 17 -31.21 3.27 -2.38
CA LEU A 17 -30.59 2.07 -2.98
C LEU A 17 -31.55 1.42 -3.96
N GLU A 18 -32.85 1.40 -3.62
CA GLU A 18 -33.92 0.90 -4.53
C GLU A 18 -33.96 1.61 -5.89
N THR A 19 -33.66 2.92 -5.94
CA THR A 19 -33.61 3.65 -7.24
C THR A 19 -32.49 3.10 -8.17
N ALA A 20 -31.40 2.61 -7.57
CA ALA A 20 -30.27 1.99 -8.28
C ALA A 20 -30.38 0.45 -8.43
N GLY A 21 -31.54 -0.13 -8.09
CA GLY A 21 -31.73 -1.58 -8.12
C GLY A 21 -30.92 -2.37 -7.11
N ILE A 22 -30.48 -1.71 -6.02
CA ILE A 22 -29.68 -2.34 -4.96
C ILE A 22 -30.59 -2.65 -3.77
N LYS A 23 -30.41 -3.85 -3.23
CA LYS A 23 -31.12 -4.33 -2.06
C LYS A 23 -30.08 -5.13 -1.30
N LEU A 24 -29.73 -4.64 -0.10
CA LEU A 24 -28.72 -5.26 0.75
C LEU A 24 -29.34 -5.98 1.93
N ASN A 25 -28.96 -7.24 2.13
CA ASN A 25 -29.41 -8.02 3.29
C ASN A 25 -28.61 -7.61 4.52
N ASP A 26 -29.07 -8.01 5.71
CA ASP A 26 -28.38 -7.64 6.99
C ASP A 26 -26.88 -8.06 7.05
N ARG A 27 -26.52 -9.17 6.39
CA ARG A 27 -25.12 -9.64 6.32
C ARG A 27 -24.26 -8.69 5.46
N GLN A 28 -24.77 -8.31 4.27
CA GLN A 28 -24.08 -7.36 3.35
C GLN A 28 -23.91 -5.97 4.00
N TRP A 29 -24.95 -5.47 4.68
CA TRP A 29 -24.87 -4.20 5.44
C TRP A 29 -23.75 -4.25 6.47
N SER A 30 -23.72 -5.35 7.24
CA SER A 30 -22.69 -5.58 8.29
C SER A 30 -21.26 -5.64 7.77
N GLN A 31 -21.07 -6.33 6.65
CA GLN A 31 -19.74 -6.49 6.02
C GLN A 31 -19.20 -5.20 5.40
N ILE A 32 -20.07 -4.39 4.79
CA ILE A 32 -19.65 -3.12 4.14
C ILE A 32 -19.34 -2.04 5.16
N ILE A 33 -20.28 -1.81 6.08
CA ILE A 33 -20.21 -0.72 7.08
C ILE A 33 -20.07 -1.30 8.46
N GLN A 34 -18.94 -1.00 9.11
CA GLN A 34 -18.66 -1.47 10.47
C GLN A 34 -19.69 -0.97 11.50
N ALA A 35 -20.05 0.31 11.39
CA ALA A 35 -21.07 0.94 12.28
C ALA A 35 -22.44 0.23 12.26
N PHE A 36 -22.76 -0.47 11.16
CA PHE A 36 -23.98 -1.27 11.08
C PHE A 36 -23.82 -2.53 11.92
N LYS A 37 -22.71 -3.26 11.71
CA LYS A 37 -22.41 -4.49 12.46
C LYS A 37 -22.51 -4.22 13.95
N GLU A 38 -21.80 -3.17 14.39
CA GLU A 38 -21.77 -2.78 15.82
C GLU A 38 -23.01 -2.00 16.33
N ASP A 39 -23.94 -1.65 15.43
CA ASP A 39 -25.20 -0.96 15.74
C ASP A 39 -24.91 0.36 16.44
N LYS A 40 -24.43 1.30 15.63
CA LYS A 40 -24.04 2.63 16.07
C LYS A 40 -24.64 3.68 15.17
N ALA A 41 -24.73 4.90 15.71
CA ALA A 41 -25.25 6.06 14.98
C ALA A 41 -24.28 6.39 13.84
N TYR A 42 -24.81 6.97 12.78
CA TYR A 42 -24.04 7.24 11.56
C TYR A 42 -24.78 8.24 10.66
N SER A 43 -24.20 8.52 9.49
CA SER A 43 -24.79 9.41 8.48
C SER A 43 -25.16 8.55 7.25
N PRO A 44 -26.34 8.81 6.65
CA PRO A 44 -26.64 8.10 5.39
C PRO A 44 -25.66 8.44 4.26
N GLU A 45 -25.29 9.73 4.09
CA GLU A 45 -24.36 10.13 3.02
C GLU A 45 -23.02 9.39 3.13
N VAL A 46 -22.46 9.31 4.34
CA VAL A 46 -21.17 8.62 4.56
C VAL A 46 -21.31 7.14 4.19
N ALA A 47 -22.31 6.49 4.79
CA ALA A 47 -22.69 5.08 4.49
C ALA A 47 -22.86 4.83 2.97
N LEU A 48 -23.60 5.72 2.32
CA LEU A 48 -23.86 5.63 0.87
C LEU A 48 -22.59 5.70 0.04
N ASN A 49 -21.59 6.46 0.50
CA ASN A 49 -20.29 6.48 -0.18
C ASN A 49 -19.61 5.10 -0.09
N GLU A 50 -19.68 4.49 1.09
CA GLU A 50 -19.13 3.15 1.32
C GLU A 50 -19.85 2.09 0.50
N ILE A 51 -21.19 2.13 0.50
CA ILE A 51 -22.02 1.17 -0.29
C ILE A 51 -21.70 1.33 -1.79
N CYS A 52 -21.78 2.58 -2.28
CA CYS A 52 -21.46 2.91 -3.69
C CYS A 52 -20.05 2.47 -4.10
N THR A 53 -19.08 2.67 -3.21
CA THR A 53 -17.69 2.25 -3.45
C THR A 53 -17.62 0.73 -3.64
N ARG A 54 -18.21 -0.01 -2.69
CA ARG A 54 -18.25 -1.48 -2.75
C ARG A 54 -19.07 -2.08 -3.92
N MET A 55 -20.30 -1.59 -4.12
CA MET A 55 -21.19 -2.17 -5.17
C MET A 55 -20.84 -1.78 -6.60
N TYR A 56 -20.38 -0.54 -6.83
CA TYR A 56 -20.00 -0.07 -8.19
C TYR A 56 -18.48 0.12 -8.46
N GLY A 57 -17.63 -0.04 -7.44
CA GLY A 57 -16.16 0.13 -7.60
C GLY A 57 -15.70 1.57 -7.81
N VAL A 58 -16.56 2.53 -7.45
CA VAL A 58 -16.34 3.97 -7.62
C VAL A 58 -17.09 4.71 -6.52
N ASP A 59 -16.49 5.78 -5.98
CA ASP A 59 -17.12 6.55 -4.86
C ASP A 59 -18.25 7.50 -5.38
N LEU A 60 -18.77 8.37 -4.51
CA LEU A 60 -19.88 9.29 -4.89
C LEU A 60 -19.51 10.38 -5.92
N ASP A 61 -18.21 10.68 -6.11
CA ASP A 61 -17.78 11.69 -7.12
C ASP A 61 -18.04 11.23 -8.58
N SER A 62 -18.25 9.92 -8.77
CA SER A 62 -18.73 9.38 -10.04
C SER A 62 -20.10 10.00 -10.42
N GLY A 63 -20.90 10.36 -9.40
CA GLY A 63 -22.19 10.98 -9.58
C GLY A 63 -23.32 10.00 -9.76
N LEU A 64 -23.05 8.70 -9.52
CA LEU A 64 -24.07 7.62 -9.67
C LEU A 64 -25.32 7.84 -8.81
N PHE A 65 -25.15 8.39 -7.60
CA PHE A 65 -26.28 8.69 -6.69
C PHE A 65 -26.63 10.22 -6.61
N SER A 66 -26.26 11.00 -7.62
CA SER A 66 -26.45 12.48 -7.59
C SER A 66 -27.80 13.03 -8.14
N LYS A 67 -28.67 12.16 -8.67
CA LYS A 67 -29.98 12.61 -9.18
C LYS A 67 -30.88 12.80 -7.95
N PRO A 68 -31.42 14.02 -7.73
CA PRO A 68 -32.20 14.25 -6.51
C PRO A 68 -33.58 13.61 -6.62
N LEU A 69 -33.64 12.34 -6.19
CA LEU A 69 -34.88 11.56 -6.17
C LEU A 69 -35.47 11.42 -4.76
N VAL A 70 -34.62 11.09 -3.78
CA VAL A 70 -35.04 10.78 -2.41
C VAL A 70 -34.26 11.59 -1.38
N SER A 71 -34.99 12.29 -0.49
CA SER A 71 -34.39 13.10 0.58
C SER A 71 -34.06 12.30 1.84
N VAL A 72 -33.01 12.75 2.55
CA VAL A 72 -32.60 12.21 3.88
C VAL A 72 -32.50 13.44 4.80
N TYR A 73 -33.31 13.45 5.87
CA TYR A 73 -33.47 14.59 6.76
C TYR A 73 -33.07 14.25 8.18
N TYR A 74 -32.24 15.09 8.81
CA TYR A 74 -31.72 14.88 10.17
C TYR A 74 -32.44 15.78 11.17
N ALA A 75 -33.02 15.18 12.23
CA ALA A 75 -33.79 15.92 13.25
C ALA A 75 -33.70 15.32 14.66
N ASP A 76 -32.78 15.88 15.47
CA ASP A 76 -32.57 15.51 16.90
C ASP A 76 -32.14 14.03 17.08
N ASN A 77 -30.96 13.73 16.55
CA ASN A 77 -30.33 12.40 16.62
C ASN A 77 -31.23 11.28 16.03
N HIS A 78 -31.81 11.55 14.87
CA HIS A 78 -32.74 10.63 14.20
C HIS A 78 -32.88 11.00 12.71
N TRP A 79 -32.66 10.04 11.82
CA TRP A 79 -32.77 10.22 10.36
C TRP A 79 -34.03 9.57 9.79
N ASP A 80 -34.71 10.29 8.90
CA ASP A 80 -35.89 9.76 8.16
C ASP A 80 -35.87 10.37 6.73
N ASN A 81 -36.94 10.15 5.94
CA ASN A 81 -37.00 10.64 4.54
C ASN A 81 -38.01 11.78 4.32
N ARG A 82 -37.96 12.81 5.18
CA ARG A 82 -38.82 13.99 5.01
C ARG A 82 -38.26 14.80 3.85
N PRO A 83 -39.13 15.51 3.08
CA PRO A 83 -38.56 16.38 2.06
C PRO A 83 -37.85 17.58 2.72
N GLY A 84 -36.98 18.23 1.96
CA GLY A 84 -36.20 19.38 2.46
C GLY A 84 -34.79 19.07 2.94
N GLY A 85 -34.38 17.80 2.87
CA GLY A 85 -33.01 17.38 3.22
C GLY A 85 -32.20 17.19 1.95
N LYS A 86 -30.96 16.70 2.10
CA LYS A 86 -30.09 16.43 0.96
C LYS A 86 -30.68 15.26 0.19
N MET A 87 -30.74 15.37 -1.13
CA MET A 87 -31.38 14.36 -1.96
C MET A 87 -30.39 13.53 -2.77
N PHE A 88 -30.65 12.22 -2.84
CA PHE A 88 -29.86 11.26 -3.62
C PHE A 88 -30.78 10.41 -4.48
N GLY A 89 -30.18 9.61 -5.36
CA GLY A 89 -30.91 8.71 -6.27
C GLY A 89 -30.08 8.36 -7.48
N PHE A 90 -30.29 7.14 -8.05
CA PHE A 90 -29.52 6.69 -9.21
C PHE A 90 -29.61 7.68 -10.37
N ASN A 91 -28.47 7.99 -10.98
CA ASN A 91 -28.35 8.95 -12.07
C ASN A 91 -27.84 8.24 -13.35
N PRO A 92 -28.77 7.90 -14.29
CA PRO A 92 -28.37 7.27 -15.59
C PRO A 92 -27.34 8.06 -16.42
N GLU A 93 -27.37 9.39 -16.35
CA GLU A 93 -26.38 10.29 -17.01
C GLU A 93 -24.95 10.00 -16.51
N ALA A 94 -24.82 9.77 -15.21
CA ALA A 94 -23.53 9.40 -14.58
C ALA A 94 -23.11 7.98 -14.95
N ALA A 95 -24.08 7.06 -15.02
CA ALA A 95 -23.84 5.66 -15.46
C ALA A 95 -23.36 5.64 -16.91
N SER A 96 -24.10 6.36 -17.77
CA SER A 96 -23.78 6.59 -19.22
C SER A 96 -22.34 6.96 -19.49
N ILE A 97 -21.82 7.88 -18.65
CA ILE A 97 -20.43 8.35 -18.74
C ILE A 97 -19.45 7.19 -18.39
N LEU A 98 -19.79 6.42 -17.35
CA LEU A 98 -18.97 5.26 -16.93
C LEU A 98 -19.03 4.08 -17.91
N GLU A 99 -20.13 3.95 -18.66
CA GLU A 99 -20.25 2.88 -19.70
C GLU A 99 -19.24 3.02 -20.85
N ARG A 100 -18.77 4.24 -21.13
CA ARG A 100 -17.73 4.46 -22.15
C ARG A 100 -16.39 3.92 -21.63
N LYS A 101 -16.02 4.32 -20.41
CA LYS A 101 -14.81 3.80 -19.75
C LYS A 101 -14.93 2.27 -19.44
N TYR A 102 -16.15 1.81 -19.15
CA TYR A 102 -16.43 0.40 -18.80
C TYR A 102 -17.59 -0.19 -19.63
N PRO A 103 -17.34 -0.60 -20.90
CA PRO A 103 -18.41 -1.20 -21.76
C PRO A 103 -19.20 -2.41 -21.20
N PHE A 104 -18.54 -3.30 -20.44
CA PHE A 104 -19.17 -4.53 -19.86
C PHE A 104 -20.41 -4.25 -18.98
N THR A 105 -20.40 -3.14 -18.26
CA THR A 105 -21.53 -2.68 -17.41
C THR A 105 -22.89 -2.46 -18.08
N LYS A 106 -22.88 -2.11 -19.38
CA LYS A 106 -24.13 -1.73 -20.12
C LYS A 106 -25.33 -2.63 -19.84
N GLY A 107 -26.42 -2.00 -19.38
CA GLY A 107 -27.65 -2.68 -19.00
C GLY A 107 -27.54 -3.63 -17.80
N LYS A 108 -26.53 -3.46 -16.94
CA LYS A 108 -26.30 -4.34 -15.76
C LYS A 108 -26.01 -3.55 -14.45
N TRP A 109 -26.49 -2.31 -14.40
CA TRP A 109 -26.33 -1.45 -13.21
C TRP A 109 -27.38 -1.76 -12.14
N ASN A 110 -28.63 -1.88 -12.59
CA ASN A 110 -29.80 -2.01 -11.72
C ASN A 110 -30.35 -3.44 -11.60
N ILE A 111 -29.44 -4.38 -11.35
CA ILE A 111 -29.77 -5.82 -11.20
C ILE A 111 -29.25 -6.40 -9.86
N ASN A 112 -28.96 -5.51 -8.89
CA ASN A 112 -28.48 -5.87 -7.54
C ASN A 112 -27.15 -6.66 -7.51
N LYS A 113 -26.29 -6.40 -8.51
CA LYS A 113 -24.97 -7.06 -8.61
C LYS A 113 -23.85 -6.09 -8.28
N GLN A 114 -22.69 -6.69 -7.97
CA GLN A 114 -21.48 -5.97 -7.65
C GLN A 114 -20.71 -5.79 -8.94
N ILE A 115 -20.60 -4.54 -9.40
CA ILE A 115 -19.89 -4.21 -10.63
C ILE A 115 -18.42 -4.14 -10.25
N CYS A 116 -17.74 -5.30 -10.27
CA CYS A 116 -16.25 -5.33 -10.06
C CYS A 116 -15.63 -4.69 -11.31
N VAL A 117 -15.07 -3.52 -11.10
CA VAL A 117 -14.54 -2.75 -12.23
C VAL A 117 -12.99 -3.01 -12.46
N THR A 118 -12.27 -3.52 -11.43
CA THR A 118 -10.86 -4.04 -11.55
C THR A 118 -10.90 -5.22 -12.56
N THR A 119 -11.46 -6.37 -12.15
CA THR A 119 -11.59 -7.55 -12.99
C THR A 119 -12.91 -7.28 -13.65
N ARG A 120 -12.90 -7.02 -14.95
CA ARG A 120 -14.10 -6.59 -15.68
C ARG A 120 -15.20 -7.70 -15.68
N ARG A 121 -15.87 -7.82 -14.53
CA ARG A 121 -16.92 -8.82 -14.28
C ARG A 121 -18.05 -8.23 -13.43
N ILE A 122 -19.19 -8.92 -13.47
CA ILE A 122 -20.39 -8.57 -12.71
C ILE A 122 -20.79 -9.85 -11.99
N GLU A 123 -20.46 -9.90 -10.70
CA GLU A 123 -20.69 -11.05 -9.84
C GLU A 123 -21.59 -10.66 -8.67
N ASP A 124 -21.91 -11.65 -7.83
CA ASP A 124 -22.63 -11.43 -6.57
C ASP A 124 -21.69 -10.72 -5.60
N PHE A 125 -22.25 -10.16 -4.52
CA PHE A 125 -21.45 -9.40 -3.53
C PHE A 125 -20.31 -10.24 -2.93
N ASN A 126 -19.18 -9.58 -2.68
CA ASN A 126 -18.00 -10.18 -2.09
C ASN A 126 -17.34 -9.15 -1.16
N PRO A 127 -17.17 -9.49 0.15
CA PRO A 127 -16.60 -8.50 1.12
C PRO A 127 -15.18 -8.00 0.80
N THR A 128 -14.40 -8.84 0.13
CA THR A 128 -13.02 -8.52 -0.25
C THR A 128 -12.89 -7.65 -1.52
N THR A 129 -13.95 -7.58 -2.34
CA THR A 129 -13.95 -6.80 -3.60
C THR A 129 -14.31 -5.31 -3.46
N ASN A 130 -13.74 -4.49 -4.37
CA ASN A 130 -13.97 -3.04 -4.48
C ASN A 130 -13.70 -2.23 -3.22
N ILE A 131 -12.55 -2.49 -2.61
CA ILE A 131 -12.14 -1.81 -1.37
C ILE A 131 -11.78 -0.33 -1.64
N ILE A 132 -11.11 -0.07 -2.77
CA ILE A 132 -10.65 1.27 -3.16
C ILE A 132 -11.34 1.69 -4.47
N PRO A 133 -11.96 2.89 -4.49
CA PRO A 133 -12.67 3.34 -5.69
C PRO A 133 -11.72 3.73 -6.83
N ALA A 134 -11.93 3.12 -8.00
CA ALA A 134 -11.10 3.34 -9.20
C ALA A 134 -11.06 4.79 -9.71
N ASN A 135 -12.19 5.51 -9.56
CA ASN A 135 -12.30 6.91 -10.00
C ASN A 135 -11.52 7.91 -9.14
N ARG A 136 -11.42 7.65 -7.84
CA ARG A 136 -10.77 8.59 -6.89
C ARG A 136 -9.26 8.63 -6.96
N ARG A 137 -8.70 9.84 -7.16
CA ARG A 137 -7.27 10.08 -7.08
C ARG A 137 -7.01 10.25 -5.60
N LEU A 138 -6.27 9.32 -5.01
CA LEU A 138 -6.00 9.33 -3.57
C LEU A 138 -5.07 10.52 -3.25
N PRO A 139 -5.39 11.28 -2.18
CA PRO A 139 -4.58 12.48 -1.88
C PRO A 139 -3.16 12.21 -1.37
N HIS A 140 -2.86 10.99 -0.89
CA HIS A 140 -1.53 10.67 -0.39
C HIS A 140 -1.24 9.15 -0.43
N SER A 141 -0.01 8.78 -0.05
CA SER A 141 0.43 7.38 -0.04
C SER A 141 -0.24 6.59 1.05
N LEU A 142 -0.43 5.31 0.80
CA LEU A 142 -1.00 4.37 1.79
C LEU A 142 0.06 3.31 2.03
N VAL A 143 -0.26 2.27 2.80
CA VAL A 143 0.67 1.19 3.10
C VAL A 143 0.01 -0.09 2.59
N ALA A 144 0.83 -0.93 1.96
CA ALA A 144 0.34 -2.19 1.38
C ALA A 144 -0.08 -3.23 2.41
N GLU A 145 0.54 -3.18 3.61
CA GLU A 145 0.32 -4.15 4.64
C GLU A 145 0.33 -3.53 6.07
N HIS A 146 -0.70 -3.77 6.89
CA HIS A 146 -0.74 -3.25 8.28
C HIS A 146 0.27 -4.01 9.11
N ARG A 147 1.01 -3.27 9.96
CA ARG A 147 2.08 -3.83 10.79
C ARG A 147 2.11 -3.06 12.12
N PRO A 148 2.05 -3.75 13.29
CA PRO A 148 2.18 -3.00 14.56
C PRO A 148 3.58 -2.37 14.74
N VAL A 149 3.69 -1.35 15.61
CA VAL A 149 4.92 -0.65 15.88
C VAL A 149 5.06 -0.49 17.38
N LYS A 150 6.13 -1.07 17.96
CA LYS A 150 6.48 -0.90 19.37
C LYS A 150 7.11 0.48 19.45
N GLY A 151 6.25 1.48 19.66
CA GLY A 151 6.66 2.89 19.68
C GLY A 151 6.90 3.52 21.04
N GLU A 152 7.04 4.84 21.00
CA GLU A 152 7.23 5.68 22.18
C GLU A 152 5.86 5.98 22.84
N ARG A 153 5.91 6.58 24.02
CA ARG A 153 4.71 7.02 24.71
C ARG A 153 4.18 8.30 24.04
N MET A 154 2.85 8.42 23.99
CA MET A 154 2.17 9.61 23.38
C MET A 154 2.39 10.90 24.14
N GLU A 155 2.60 10.78 25.45
CA GLU A 155 2.87 11.92 26.35
C GLU A 155 4.02 12.81 25.80
N TRP A 156 5.04 12.15 25.24
CA TRP A 156 6.20 12.81 24.59
C TRP A 156 5.71 13.78 23.43
N LEU A 157 4.69 13.39 22.66
CA LEU A 157 4.07 14.26 21.62
C LEU A 157 3.22 15.39 22.22
N VAL A 158 2.37 15.04 23.19
CA VAL A 158 1.42 15.99 23.81
C VAL A 158 2.15 17.08 24.62
N ASN A 159 3.18 16.67 25.38
CA ASN A 159 4.00 17.61 26.19
C ASN A 159 4.75 18.66 25.35
N LYS A 160 5.09 18.33 24.08
CA LYS A 160 5.68 19.33 23.16
C LYS A 160 4.71 20.43 22.72
N ILE A 161 3.39 20.15 22.68
CA ILE A 161 2.38 21.09 22.18
C ILE A 161 1.96 22.07 23.26
N ASN A 162 1.98 23.38 22.93
CA ASN A 162 1.56 24.45 23.86
C ASN A 162 0.08 24.43 24.21
N GLY A 163 -0.22 24.80 25.45
CA GLY A 163 -1.59 24.88 25.97
C GLY A 163 -1.65 24.17 27.31
N HIS A 164 -1.99 24.91 28.37
CA HIS A 164 -2.03 24.35 29.73
C HIS A 164 -3.32 23.53 29.94
N HIS A 165 -4.46 24.13 29.60
CA HIS A 165 -5.78 23.49 29.78
C HIS A 165 -6.06 22.49 28.65
N VAL A 166 -5.98 21.19 28.97
CA VAL A 166 -6.15 20.08 28.00
C VAL A 166 -7.47 19.31 28.17
N LEU A 167 -8.11 18.98 27.05
CA LEU A 167 -9.27 18.10 27.00
C LEU A 167 -8.79 16.85 26.31
N LEU A 168 -8.85 15.72 27.02
CA LEU A 168 -8.47 14.42 26.46
C LEU A 168 -9.75 13.66 26.21
N VAL A 169 -9.98 13.27 24.96
CA VAL A 169 -11.08 12.44 24.55
C VAL A 169 -10.37 11.12 24.26
N SER A 170 -10.58 10.11 25.12
CA SER A 170 -9.87 8.83 25.03
C SER A 170 -10.48 7.69 25.84
N GLY A 171 -10.20 6.47 25.40
CA GLY A 171 -10.59 5.28 26.13
C GLY A 171 -9.74 5.04 27.37
N TYR A 172 -8.53 5.63 27.38
CA TYR A 172 -7.56 5.53 28.47
C TYR A 172 -6.89 6.88 28.75
N ASN A 173 -6.37 7.04 29.97
CA ASN A 173 -5.75 8.30 30.44
C ASN A 173 -4.26 8.37 30.13
N LEU A 174 -3.74 9.61 30.06
CA LEU A 174 -2.31 9.89 29.86
C LEU A 174 -1.76 10.59 31.11
N ALA A 175 -0.44 10.47 31.31
CA ALA A 175 0.25 11.13 32.42
C ALA A 175 0.82 12.46 31.91
N LEU A 176 0.14 13.56 32.25
CA LEU A 176 0.53 14.92 31.82
C LEU A 176 0.64 15.81 33.06
N PRO A 177 1.80 15.74 33.78
CA PRO A 177 1.97 16.55 35.03
C PRO A 177 1.96 18.07 34.81
N THR A 178 2.57 18.51 33.71
CA THR A 178 2.64 19.92 33.34
C THR A 178 1.31 20.51 32.83
N LYS A 179 0.34 19.64 32.47
CA LYS A 179 -0.98 20.02 31.95
C LYS A 179 -2.12 19.88 32.97
N ARG A 180 -3.17 20.69 32.80
CA ARG A 180 -4.42 20.61 33.62
C ARG A 180 -5.42 19.86 32.74
N VAL A 181 -5.49 18.54 32.93
CA VAL A 181 -6.29 17.64 32.09
C VAL A 181 -7.72 17.40 32.59
N THR A 182 -8.68 17.47 31.65
CA THR A 182 -10.08 17.11 31.84
C THR A 182 -10.25 15.89 30.92
N TRP A 183 -10.33 14.68 31.49
CA TRP A 183 -10.45 13.44 30.71
C TRP A 183 -11.92 12.99 30.47
N VAL A 184 -12.33 13.01 29.19
CA VAL A 184 -13.62 12.55 28.70
C VAL A 184 -13.38 11.14 28.10
N ALA A 185 -14.33 10.21 28.35
CA ALA A 185 -14.18 8.79 27.92
C ALA A 185 -15.51 8.14 27.52
N PRO A 186 -15.44 7.00 26.77
CA PRO A 186 -16.69 6.32 26.40
C PRO A 186 -17.36 5.73 27.63
N LEU A 187 -18.66 5.45 27.53
CA LEU A 187 -19.45 4.97 28.67
C LEU A 187 -18.88 3.67 29.26
N GLY A 188 -19.06 3.50 30.56
CA GLY A 188 -18.52 2.33 31.29
C GLY A 188 -17.06 2.43 31.71
N VAL A 189 -16.33 3.47 31.29
CA VAL A 189 -14.94 3.69 31.70
C VAL A 189 -14.96 4.44 33.04
N ARG A 190 -14.16 3.94 33.98
CA ARG A 190 -13.99 4.49 35.33
C ARG A 190 -12.67 5.24 35.36
N GLY A 191 -12.56 6.17 36.29
CA GLY A 191 -11.36 7.03 36.45
C GLY A 191 -11.39 8.32 35.65
N ALA A 192 -12.45 8.55 34.85
CA ALA A 192 -12.56 9.74 34.00
C ALA A 192 -13.36 10.82 34.67
N ASP A 193 -13.13 12.04 34.21
CA ASP A 193 -13.85 13.22 34.69
C ASP A 193 -15.28 13.19 34.16
N TYR A 194 -15.45 12.81 32.88
CA TYR A 194 -16.79 12.68 32.28
C TYR A 194 -16.83 11.47 31.36
N THR A 195 -18.05 10.93 31.19
CA THR A 195 -18.31 9.81 30.28
C THR A 195 -19.49 10.21 29.38
N TYR A 196 -19.35 9.95 28.07
CA TYR A 196 -20.36 10.23 27.06
C TYR A 196 -20.35 9.20 25.97
N ASN A 197 -21.50 9.00 25.33
CA ASN A 197 -21.59 8.14 24.18
C ASN A 197 -20.96 8.93 23.05
N LEU A 198 -19.69 8.63 22.77
CA LEU A 198 -18.90 9.38 21.76
C LEU A 198 -19.39 9.22 20.30
N GLU A 199 -20.23 8.21 20.03
CA GLU A 199 -20.85 8.04 18.70
C GLU A 199 -22.02 9.13 18.51
N LEU A 200 -22.29 9.97 19.53
CA LEU A 200 -23.21 11.13 19.45
C LEU A 200 -22.43 12.47 19.52
N GLY A 201 -21.10 12.43 19.42
CA GLY A 201 -20.24 13.64 19.47
C GLY A 201 -19.74 14.04 20.86
N LEU A 202 -19.33 15.31 20.97
CA LEU A 202 -18.83 15.93 22.21
C LEU A 202 -19.71 17.11 22.52
N PRO A 203 -20.30 17.17 23.75
CA PRO A 203 -21.21 18.28 24.05
C PRO A 203 -20.45 19.58 24.35
N ALA A 204 -20.98 20.70 23.82
CA ALA A 204 -20.44 22.06 24.04
C ALA A 204 -20.29 22.45 25.53
N THR A 205 -21.15 21.89 26.39
CA THR A 205 -21.11 22.05 27.88
C THR A 205 -19.71 21.81 28.51
N LEU A 206 -18.89 20.95 27.90
CA LEU A 206 -17.46 20.70 28.32
C LEU A 206 -16.55 21.94 28.42
N GLY A 207 -16.89 23.02 27.69
CA GLY A 207 -16.13 24.27 27.75
C GLY A 207 -15.01 24.33 26.77
N ARG A 208 -14.30 25.45 26.75
CA ARG A 208 -13.20 25.71 25.82
C ARG A 208 -11.84 25.49 26.48
N TYR A 209 -10.91 24.94 25.69
CA TYR A 209 -9.59 24.53 26.13
C TYR A 209 -8.47 25.03 25.22
N ASP A 210 -7.24 25.02 25.74
CA ASP A 210 -6.03 25.42 24.99
C ASP A 210 -5.61 24.32 24.02
N LEU A 211 -5.69 23.05 24.47
CA LEU A 211 -5.37 21.86 23.65
C LEU A 211 -6.47 20.81 23.77
N VAL A 212 -7.04 20.40 22.62
CA VAL A 212 -8.04 19.33 22.57
C VAL A 212 -7.30 18.14 21.94
N VAL A 213 -7.38 16.97 22.58
CA VAL A 213 -6.68 15.74 22.15
C VAL A 213 -7.70 14.63 21.86
N ILE A 214 -7.96 14.40 20.58
CA ILE A 214 -8.89 13.33 20.14
C ILE A 214 -8.03 12.10 19.96
N ASN A 215 -8.17 11.15 20.88
CA ASN A 215 -7.35 9.96 20.94
C ASN A 215 -8.20 8.69 20.95
N ILE A 216 -9.07 8.57 19.94
CA ILE A 216 -9.89 7.38 19.74
C ILE A 216 -9.27 6.59 18.60
N HIS A 217 -9.14 5.28 18.81
CA HIS A 217 -8.59 4.34 17.85
C HIS A 217 -9.72 3.77 17.02
N THR A 218 -9.33 3.16 15.90
CA THR A 218 -10.25 2.49 14.97
C THR A 218 -9.53 1.23 14.54
N PRO A 219 -10.08 0.04 14.90
CA PRO A 219 -9.43 -1.23 14.52
C PRO A 219 -9.14 -1.34 13.03
N PHE A 220 -8.01 -1.96 12.69
CA PHE A 220 -7.67 -2.20 11.29
C PHE A 220 -8.47 -3.36 10.75
N ARG A 221 -8.89 -3.24 9.51
CA ARG A 221 -9.51 -4.32 8.77
C ARG A 221 -9.23 -4.10 7.28
N ILE A 222 -8.96 -5.19 6.57
CA ILE A 222 -8.77 -5.20 5.09
C ILE A 222 -7.56 -4.40 4.53
N HIS A 223 -7.57 -3.08 4.68
CA HIS A 223 -6.54 -2.22 4.07
C HIS A 223 -6.48 -0.83 4.74
N HIS A 224 -5.38 -0.09 4.51
CA HIS A 224 -5.19 1.30 5.03
C HIS A 224 -6.40 2.16 4.67
N TYR A 225 -6.71 2.26 3.37
CA TYR A 225 -7.91 2.96 2.85
C TYR A 225 -9.18 2.67 3.65
N GLN A 226 -9.42 1.39 3.95
CA GLN A 226 -10.61 0.97 4.74
C GLN A 226 -10.56 1.47 6.19
N GLN A 227 -9.35 1.54 6.76
CA GLN A 227 -9.16 2.07 8.13
C GLN A 227 -9.47 3.57 8.18
N CYS A 228 -9.19 4.31 7.10
CA CYS A 228 -9.61 5.73 6.98
C CYS A 228 -11.12 5.81 6.87
N VAL A 229 -11.72 4.91 6.07
CA VAL A 229 -13.19 4.85 5.89
C VAL A 229 -13.89 4.58 7.23
N ASP A 230 -13.40 3.57 7.95
CA ASP A 230 -13.95 3.22 9.26
C ASP A 230 -13.76 4.34 10.31
N HIS A 231 -12.64 5.05 10.24
CA HIS A 231 -12.33 6.18 11.15
C HIS A 231 -13.04 7.50 10.77
N ALA A 232 -13.41 7.64 9.49
CA ALA A 232 -14.08 8.86 8.91
C ALA A 232 -15.18 9.51 9.77
N MET A 233 -16.11 8.69 10.28
CA MET A 233 -17.23 9.23 11.09
C MET A 233 -16.73 9.80 12.44
N LYS A 234 -15.63 9.25 13.00
CA LYS A 234 -15.06 9.79 14.27
C LYS A 234 -14.46 11.17 14.02
N LEU A 235 -13.73 11.32 12.91
CA LEU A 235 -13.19 12.63 12.47
C LEU A 235 -14.31 13.66 12.34
N GLN A 236 -15.37 13.26 11.65
CA GLN A 236 -16.55 14.13 11.41
C GLN A 236 -17.18 14.62 12.70
N MET A 237 -17.42 13.66 13.58
CA MET A 237 -18.11 13.89 14.83
C MET A 237 -17.25 14.56 15.88
N LEU A 238 -16.19 13.88 16.28
CA LEU A 238 -15.30 14.36 17.36
C LEU A 238 -14.44 15.54 16.92
N GLY A 239 -13.88 15.49 15.71
CA GLY A 239 -13.07 16.62 15.18
C GLY A 239 -13.91 17.88 14.97
N GLY A 240 -15.10 17.72 14.39
CA GLY A 240 -16.04 18.83 14.16
C GLY A 240 -16.55 19.42 15.45
N ASP A 241 -17.02 18.57 16.36
CA ASP A 241 -17.54 19.03 17.68
C ASP A 241 -16.48 19.65 18.58
N SER A 242 -15.20 19.33 18.35
CA SER A 242 -14.08 19.98 19.06
C SER A 242 -13.94 21.48 18.76
N LEU A 243 -14.44 21.95 17.60
CA LEU A 243 -14.38 23.38 17.20
C LEU A 243 -15.05 24.35 18.22
N ARG A 244 -16.13 23.90 18.89
CA ARG A 244 -16.80 24.67 19.99
C ARG A 244 -16.17 24.46 21.40
N LEU A 245 -15.07 23.70 21.46
CA LEU A 245 -14.32 23.38 22.67
C LEU A 245 -12.87 23.91 22.61
N LEU A 246 -12.66 25.01 21.85
CA LEU A 246 -11.35 25.62 21.67
C LEU A 246 -11.35 27.10 21.99
N LYS A 247 -10.45 27.52 22.90
CA LYS A 247 -10.28 28.93 23.21
C LYS A 247 -9.51 29.58 22.05
N PRO A 248 -9.59 30.94 21.91
CA PRO A 248 -8.84 31.62 20.85
C PRO A 248 -7.36 31.29 20.95
N GLY A 249 -6.76 30.92 19.82
CA GLY A 249 -5.36 30.51 19.75
C GLY A 249 -5.07 29.08 20.20
N GLY A 250 -6.12 28.27 20.45
CA GLY A 250 -5.95 26.90 20.88
C GLY A 250 -5.61 25.95 19.74
N SER A 251 -5.31 24.70 20.09
CA SER A 251 -4.93 23.66 19.13
C SER A 251 -5.73 22.36 19.28
N LEU A 252 -5.84 21.62 18.16
CA LEU A 252 -6.58 20.35 18.07
C LEU A 252 -5.65 19.27 17.53
N LEU A 253 -5.32 18.30 18.39
CA LEU A 253 -4.52 17.12 18.04
C LEU A 253 -5.48 15.97 17.89
N ILE A 254 -5.41 15.26 16.76
CA ILE A 254 -6.32 14.14 16.46
C ILE A 254 -5.55 12.90 15.99
N ARG A 255 -5.65 11.80 16.74
CA ARG A 255 -5.12 10.50 16.31
C ARG A 255 -6.01 10.05 15.17
N ALA A 256 -5.38 9.68 14.06
CA ALA A 256 -6.12 9.26 12.86
C ALA A 256 -5.23 8.38 11.96
N TYR A 257 -5.68 8.10 10.73
CA TYR A 257 -4.96 7.22 9.81
C TYR A 257 -4.75 7.83 8.42
N GLY A 258 -4.89 9.16 8.32
CA GLY A 258 -4.85 9.90 7.06
C GLY A 258 -6.27 10.36 6.70
N TYR A 259 -6.42 10.79 5.45
CA TYR A 259 -7.68 11.21 4.85
C TYR A 259 -7.81 10.65 3.42
N ALA A 260 -7.57 9.34 3.30
CA ALA A 260 -7.54 8.64 1.97
C ALA A 260 -8.87 8.66 1.22
N ASP A 261 -9.96 8.49 1.98
CA ASP A 261 -11.31 8.48 1.41
C ASP A 261 -11.91 9.89 1.32
N ARG A 262 -12.90 10.02 0.43
CA ARG A 262 -13.65 11.26 0.17
C ARG A 262 -14.16 12.00 1.42
N THR A 263 -14.75 11.26 2.35
CA THR A 263 -15.36 11.81 3.57
C THR A 263 -14.33 12.40 4.50
N SER A 264 -13.26 11.66 4.75
CA SER A 264 -12.17 12.13 5.64
C SER A 264 -11.52 13.39 5.10
N GLU A 265 -11.23 13.42 3.79
CA GLU A 265 -10.63 14.62 3.15
C GLU A 265 -11.54 15.87 3.26
N ARG A 266 -12.87 15.70 3.23
CA ARG A 266 -13.84 16.83 3.42
C ARG A 266 -13.73 17.42 4.80
N VAL A 267 -13.74 16.54 5.81
CA VAL A 267 -13.65 16.95 7.22
C VAL A 267 -12.38 17.79 7.44
N ILE A 268 -11.25 17.26 6.97
CA ILE A 268 -9.95 17.94 7.12
C ILE A 268 -9.95 19.33 6.45
N CYS A 269 -10.61 19.45 5.29
CA CYS A 269 -10.74 20.77 4.61
C CYS A 269 -11.59 21.76 5.45
N VAL A 270 -12.67 21.26 6.07
CA VAL A 270 -13.53 22.09 6.95
C VAL A 270 -12.72 22.57 8.18
N LEU A 271 -11.99 21.64 8.83
CA LEU A 271 -11.18 21.95 10.02
C LEU A 271 -10.01 22.91 9.70
N GLY A 272 -9.24 22.59 8.65
CA GLY A 272 -8.08 23.40 8.21
C GLY A 272 -8.32 24.90 7.99
N ARG A 273 -9.54 25.28 7.65
CA ARG A 273 -9.92 26.70 7.45
C ARG A 273 -9.97 27.55 8.73
N LYS A 274 -10.03 26.91 9.91
CA LYS A 274 -10.18 27.62 11.21
C LYS A 274 -8.92 27.84 12.04
N PHE A 275 -7.79 27.29 11.57
CA PHE A 275 -6.51 27.34 12.28
C PHE A 275 -5.46 28.04 11.43
N ARG A 276 -4.52 28.73 12.08
CA ARG A 276 -3.44 29.48 11.39
C ARG A 276 -2.61 28.55 10.53
N SER A 277 -2.25 27.39 11.09
CA SER A 277 -1.54 26.34 10.38
C SER A 277 -2.11 24.98 10.76
N SER A 278 -1.96 24.02 9.84
CA SER A 278 -2.45 22.65 10.00
C SER A 278 -1.33 21.70 9.54
N ARG A 279 -0.98 20.71 10.38
CA ARG A 279 0.10 19.77 10.11
C ARG A 279 -0.34 18.32 10.30
N ALA A 280 0.22 17.43 9.45
CA ALA A 280 0.01 15.98 9.51
C ALA A 280 1.34 15.35 9.97
N LEU A 281 1.33 14.76 11.17
CA LEU A 281 2.50 14.17 11.82
C LEU A 281 2.50 12.66 11.76
N LYS A 282 3.70 12.07 11.82
CA LYS A 282 3.89 10.61 11.99
C LYS A 282 5.05 10.46 12.97
N PRO A 283 4.79 10.75 14.26
CA PRO A 283 5.87 10.73 15.25
C PRO A 283 6.19 9.32 15.75
N PRO A 284 7.29 9.16 16.52
CA PRO A 284 7.64 7.88 17.17
C PRO A 284 6.57 7.25 18.10
N CYS A 285 5.59 8.03 18.59
CA CYS A 285 4.55 7.50 19.51
C CYS A 285 3.31 6.81 18.87
N VAL A 286 3.45 6.37 17.62
CA VAL A 286 2.38 5.62 16.92
C VAL A 286 2.39 4.15 17.36
N THR A 287 1.22 3.50 17.30
CA THR A 287 1.04 2.06 17.61
C THR A 287 0.99 1.16 16.35
N SER A 288 1.02 1.75 15.16
CA SER A 288 0.98 0.97 13.91
C SER A 288 1.51 1.71 12.68
N ASN A 289 1.72 0.91 11.64
CA ASN A 289 2.16 1.32 10.32
C ASN A 289 1.29 2.42 9.69
N THR A 290 -0.03 2.26 9.89
CA THR A 290 -1.09 3.14 9.35
C THR A 290 -1.44 4.43 10.13
N GLU A 291 -0.94 4.57 11.36
CA GLU A 291 -1.30 5.74 12.20
C GLU A 291 -0.58 7.03 11.89
N MET A 292 -1.23 8.10 12.30
CA MET A 292 -0.73 9.46 12.13
C MET A 292 -1.52 10.38 13.06
N PHE A 293 -1.02 11.59 13.27
CA PHE A 293 -1.72 12.60 14.07
C PHE A 293 -1.89 13.87 13.27
N PHE A 294 -3.10 14.47 13.31
CA PHE A 294 -3.36 15.78 12.74
C PHE A 294 -3.13 16.78 13.85
N LEU A 295 -2.28 17.77 13.63
CA LEU A 295 -2.08 18.87 14.59
C LEU A 295 -2.55 20.17 13.94
N PHE A 296 -3.73 20.62 14.36
CA PHE A 296 -4.30 21.88 13.92
C PHE A 296 -3.89 22.88 14.97
N SER A 297 -3.14 23.92 14.59
CA SER A 297 -2.58 24.91 15.54
C SER A 297 -3.09 26.33 15.38
N ASN A 298 -3.31 26.99 16.53
CA ASN A 298 -3.70 28.40 16.59
C ASN A 298 -5.09 28.67 15.95
N PHE A 299 -6.11 28.29 16.70
CA PHE A 299 -7.53 28.40 16.33
C PHE A 299 -8.03 29.84 16.36
N ASP A 300 -8.64 30.31 15.27
CA ASP A 300 -9.31 31.65 15.21
C ASP A 300 -10.80 31.59 14.77
N ASN A 301 -11.35 30.37 14.57
CA ASN A 301 -12.71 30.14 14.08
C ASN A 301 -12.99 30.87 12.73
N GLY A 302 -11.94 31.02 11.93
CA GLY A 302 -12.01 31.75 10.69
C GLY A 302 -12.40 30.87 9.54
N ARG A 303 -12.20 31.42 8.35
CA ARG A 303 -12.47 30.73 7.10
C ARG A 303 -11.45 31.26 6.11
N ARG A 304 -10.31 30.59 6.08
CA ARG A 304 -9.19 30.96 5.17
C ARG A 304 -9.12 29.94 4.06
N ASN A 305 -8.34 30.26 3.04
CA ASN A 305 -8.10 29.33 1.94
C ASN A 305 -7.28 28.17 2.49
N PHE A 306 -7.74 26.94 2.26
CA PHE A 306 -7.02 25.76 2.71
C PHE A 306 -7.15 24.64 1.71
N THR A 307 -6.00 24.09 1.29
CA THR A 307 -5.91 22.91 0.44
C THR A 307 -5.09 21.87 1.18
N THR A 308 -5.31 20.60 0.84
CA THR A 308 -4.57 19.50 1.44
C THR A 308 -3.14 19.31 0.86
N HIS A 309 -2.75 20.09 -0.17
CA HIS A 309 -1.40 19.96 -0.81
C HIS A 309 -0.20 19.84 0.14
N VAL A 310 -0.20 20.62 1.23
CA VAL A 310 0.90 20.60 2.24
C VAL A 310 0.93 19.27 2.99
N MET A 311 -0.22 18.88 3.54
CA MET A 311 -0.35 17.60 4.26
C MET A 311 -0.15 16.38 3.36
N ASN A 312 -0.52 16.50 2.08
CA ASN A 312 -0.33 15.42 1.08
C ASN A 312 1.13 15.03 1.01
N ASN A 313 1.99 16.04 0.81
CA ASN A 313 3.46 15.86 0.75
C ASN A 313 4.04 15.36 2.06
N GLN A 314 3.49 15.84 3.19
CA GLN A 314 3.90 15.36 4.53
C GLN A 314 3.59 13.88 4.69
N LEU A 315 2.34 13.50 4.38
CA LEU A 315 1.91 12.09 4.47
C LEU A 315 2.57 11.18 3.41
N ASN A 316 2.96 11.73 2.26
CA ASN A 316 3.73 10.95 1.28
C ASN A 316 5.08 10.49 1.88
N ALA A 317 5.75 11.39 2.60
CA ALA A 317 6.98 11.07 3.33
C ALA A 317 6.72 10.10 4.52
N ALA A 318 5.62 10.33 5.25
CA ALA A 318 5.22 9.50 6.41
C ALA A 318 4.87 8.06 6.05
N PHE A 319 4.00 7.90 5.05
CA PHE A 319 3.57 6.55 4.61
C PHE A 319 4.34 6.02 3.40
N VAL A 320 5.21 5.09 3.69
CA VAL A 320 5.85 4.25 2.63
C VAL A 320 6.19 2.83 3.13
N GLY A 321 5.50 2.43 4.23
CA GLY A 321 5.76 1.29 5.13
C GLY A 321 4.98 0.06 5.08
N PHE B 1 22.63 0.95 -21.74
CA PHE B 1 23.74 1.00 -20.69
C PHE B 1 24.95 1.87 -21.11
N GLN B 2 24.67 3.04 -21.71
CA GLN B 2 25.70 3.96 -22.25
C GLN B 2 26.55 4.61 -21.12
N ASN B 3 27.87 4.69 -21.35
CA ASN B 3 28.89 5.24 -20.38
C ASN B 3 28.90 4.60 -18.98
N LYS B 4 28.76 3.27 -18.96
CA LYS B 4 28.81 2.46 -17.73
C LYS B 4 29.83 1.35 -17.97
N ALA B 5 30.88 1.31 -17.14
CA ALA B 5 31.97 0.30 -17.27
C ALA B 5 31.84 -0.95 -16.37
N ASN B 6 31.16 -0.83 -15.22
CA ASN B 6 31.06 -1.92 -14.22
C ASN B 6 29.64 -2.53 -14.01
N VAL B 7 28.77 -2.42 -15.03
CA VAL B 7 27.35 -2.88 -14.93
C VAL B 7 27.04 -4.20 -15.67
N CYS B 8 28.05 -5.07 -15.81
CA CYS B 8 27.87 -6.42 -16.42
C CYS B 8 26.71 -7.20 -15.74
N TRP B 9 26.63 -7.06 -14.41
CA TRP B 9 25.53 -7.58 -13.57
C TRP B 9 24.11 -7.10 -14.03
N ALA B 10 24.01 -5.84 -14.45
CA ALA B 10 22.75 -5.24 -14.97
C ALA B 10 22.42 -5.81 -16.35
N LYS B 11 23.45 -5.91 -17.20
CA LYS B 11 23.31 -6.56 -18.52
C LYS B 11 22.83 -8.01 -18.38
N SER B 12 23.34 -8.73 -17.35
CA SER B 12 22.95 -10.13 -17.07
C SER B 12 21.48 -10.33 -16.76
N LEU B 13 20.83 -9.28 -16.24
CA LEU B 13 19.39 -9.33 -15.92
C LEU B 13 18.43 -8.98 -17.06
N VAL B 14 18.83 -8.22 -18.12
CA VAL B 14 17.85 -7.93 -19.24
C VAL B 14 17.08 -9.15 -19.73
N PRO B 15 17.78 -10.28 -20.01
CA PRO B 15 17.09 -11.49 -20.45
C PRO B 15 16.10 -12.05 -19.41
N ILE B 16 16.44 -11.95 -18.11
CA ILE B 16 15.56 -12.38 -17.02
C ILE B 16 14.34 -11.45 -16.90
N LEU B 17 14.57 -10.14 -16.99
CA LEU B 17 13.49 -9.14 -16.92
C LEU B 17 12.56 -9.27 -18.14
N GLU B 18 13.14 -9.55 -19.30
CA GLU B 18 12.36 -9.83 -20.54
C GLU B 18 11.37 -10.98 -20.42
N THR B 19 11.70 -12.03 -19.65
CA THR B 19 10.75 -13.16 -19.43
C THR B 19 9.47 -12.67 -18.67
N ALA B 20 9.64 -11.66 -17.82
CA ALA B 20 8.53 -11.03 -17.06
C ALA B 20 7.91 -9.79 -17.76
N GLY B 21 8.27 -9.54 -19.02
CA GLY B 21 7.81 -8.37 -19.76
C GLY B 21 8.31 -7.03 -19.23
N ILE B 22 9.43 -7.03 -18.50
CA ILE B 22 10.01 -5.81 -17.93
C ILE B 22 11.19 -5.38 -18.80
N LYS B 23 11.25 -4.08 -19.05
CA LYS B 23 12.31 -3.43 -19.81
C LYS B 23 12.53 -2.11 -19.09
N LEU B 24 13.70 -1.96 -18.48
CA LEU B 24 14.05 -0.76 -17.72
C LEU B 24 15.04 0.12 -18.48
N ASN B 25 14.71 1.41 -18.60
CA ASN B 25 15.63 2.39 -19.23
C ASN B 25 16.72 2.77 -18.23
N ASP B 26 17.77 3.43 -18.72
CA ASP B 26 18.91 3.83 -17.85
C ASP B 26 18.51 4.71 -16.63
N ARG B 27 17.46 5.53 -16.77
CA ARG B 27 16.96 6.35 -15.66
C ARG B 27 16.29 5.49 -14.57
N GLN B 28 15.44 4.53 -14.99
CA GLN B 28 14.76 3.57 -14.06
C GLN B 28 15.77 2.68 -13.31
N TRP B 29 16.78 2.18 -14.03
CA TRP B 29 17.89 1.41 -13.42
C TRP B 29 18.60 2.22 -12.33
N SER B 30 18.93 3.49 -12.66
CA SER B 30 19.60 4.43 -11.74
C SER B 30 18.78 4.74 -10.48
N GLN B 31 17.48 4.97 -10.66
CA GLN B 31 16.57 5.28 -9.54
C GLN B 31 16.32 4.11 -8.59
N ILE B 32 16.21 2.89 -9.13
CA ILE B 32 15.95 1.68 -8.30
C ILE B 32 17.19 1.24 -7.52
N ILE B 33 18.31 1.10 -8.23
CA ILE B 33 19.57 0.58 -7.68
C ILE B 33 20.63 1.66 -7.65
N GLN B 34 21.09 2.03 -6.45
CA GLN B 34 22.14 3.08 -6.29
C GLN B 34 23.44 2.68 -6.97
N ALA B 35 23.83 1.41 -6.82
CA ALA B 35 25.07 0.88 -7.45
C ALA B 35 25.13 1.04 -8.97
N PHE B 36 23.95 1.11 -9.62
CA PHE B 36 23.86 1.37 -11.06
C PHE B 36 24.18 2.84 -11.33
N LYS B 37 23.50 3.73 -10.61
CA LYS B 37 23.73 5.19 -10.73
C LYS B 37 25.21 5.51 -10.60
N GLU B 38 25.82 5.01 -9.52
CA GLU B 38 27.25 5.23 -9.23
C GLU B 38 28.23 4.35 -10.04
N ASP B 39 27.72 3.39 -10.83
CA ASP B 39 28.51 2.50 -11.71
C ASP B 39 29.53 1.73 -10.90
N LYS B 40 29.00 0.76 -10.15
CA LYS B 40 29.76 -0.09 -9.25
C LYS B 40 29.41 -1.53 -9.47
N ALA B 41 30.32 -2.40 -9.04
CA ALA B 41 30.15 -3.86 -9.15
C ALA B 41 29.02 -4.27 -8.22
N TYR B 42 28.35 -5.36 -8.56
CA TYR B 42 27.16 -5.80 -7.82
C TYR B 42 26.82 -7.27 -8.19
N SER B 43 25.72 -7.77 -7.63
CA SER B 43 25.21 -9.11 -7.91
C SER B 43 23.88 -8.98 -8.68
N PRO B 44 23.66 -9.81 -9.72
CA PRO B 44 22.34 -9.79 -10.35
C PRO B 44 21.20 -10.21 -9.41
N GLU B 45 21.40 -11.26 -8.59
CA GLU B 45 20.35 -11.71 -7.65
C GLU B 45 19.90 -10.60 -6.68
N VAL B 46 20.87 -9.88 -6.13
CA VAL B 46 20.58 -8.78 -5.18
C VAL B 46 19.77 -7.69 -5.90
N ALA B 47 20.32 -7.22 -7.04
CA ALA B 47 19.65 -6.25 -7.94
C ALA B 47 18.23 -6.67 -8.31
N LEU B 48 18.08 -7.94 -8.69
CA LEU B 48 16.77 -8.51 -9.09
C LEU B 48 15.75 -8.47 -7.95
N ASN B 49 16.22 -8.63 -6.70
CA ASN B 49 15.33 -8.49 -5.53
C ASN B 49 14.80 -7.04 -5.43
N GLU B 50 15.70 -6.07 -5.65
CA GLU B 50 15.35 -4.65 -5.63
C GLU B 50 14.39 -4.30 -6.77
N ILE B 51 14.68 -4.77 -7.98
CA ILE B 51 13.81 -4.52 -9.17
C ILE B 51 12.43 -5.14 -8.93
N CYS B 52 12.41 -6.42 -8.56
CA CYS B 52 11.16 -7.15 -8.25
C CYS B 52 10.34 -6.48 -7.16
N THR B 53 11.01 -5.99 -6.12
CA THR B 53 10.35 -5.27 -5.02
C THR B 53 9.66 -4.01 -5.55
N ARG B 54 10.40 -3.20 -6.31
CA ARG B 54 9.87 -1.95 -6.91
C ARG B 54 8.78 -2.15 -7.98
N MET B 55 9.01 -3.05 -8.93
CA MET B 55 8.05 -3.27 -10.07
C MET B 55 6.79 -4.04 -9.68
N TYR B 56 6.89 -5.06 -8.82
CA TYR B 56 5.72 -5.87 -8.40
C TYR B 56 5.21 -5.64 -6.94
N GLY B 57 5.92 -4.82 -6.14
CA GLY B 57 5.52 -4.55 -4.74
C GLY B 57 5.71 -5.72 -3.78
N VAL B 58 6.54 -6.69 -4.17
CA VAL B 58 6.82 -7.92 -3.43
C VAL B 58 8.23 -8.38 -3.75
N ASP B 59 8.96 -8.89 -2.75
CA ASP B 59 10.38 -9.33 -2.95
C ASP B 59 10.47 -10.71 -3.66
N LEU B 60 11.66 -11.29 -3.75
CA LEU B 60 11.86 -12.62 -4.44
C LEU B 60 11.21 -13.83 -3.76
N ASP B 61 10.86 -13.73 -2.47
CA ASP B 61 10.16 -14.85 -1.76
C ASP B 61 8.73 -15.11 -2.28
N SER B 62 8.16 -14.12 -2.99
CA SER B 62 6.92 -14.31 -3.73
C SER B 62 7.07 -15.43 -4.80
N GLY B 63 8.29 -15.61 -5.32
CA GLY B 63 8.60 -16.64 -6.28
C GLY B 63 8.36 -16.23 -7.71
N LEU B 64 8.08 -14.93 -7.95
CA LEU B 64 7.82 -14.39 -9.31
C LEU B 64 8.95 -14.65 -10.31
N PHE B 65 10.20 -14.62 -9.86
CA PHE B 65 11.37 -14.88 -10.71
C PHE B 65 12.04 -16.27 -10.45
N SER B 66 11.29 -17.22 -9.87
CA SER B 66 11.86 -18.56 -9.48
C SER B 66 11.82 -19.68 -10.55
N LYS B 67 11.24 -19.43 -11.73
CA LYS B 67 11.19 -20.43 -12.79
C LYS B 67 12.57 -20.40 -13.45
N PRO B 68 13.30 -21.55 -13.46
CA PRO B 68 14.66 -21.53 -14.01
C PRO B 68 14.64 -21.48 -15.54
N LEU B 69 14.63 -20.24 -16.05
CA LEU B 69 14.65 -19.96 -17.49
C LEU B 69 16.02 -19.49 -17.98
N VAL B 70 16.63 -18.54 -17.26
CA VAL B 70 17.87 -17.89 -17.65
C VAL B 70 18.91 -17.93 -16.53
N SER B 71 20.12 -18.42 -16.87
CA SER B 71 21.24 -18.50 -15.93
C SER B 71 22.06 -17.21 -15.84
N VAL B 72 22.65 -16.98 -14.66
CA VAL B 72 23.60 -15.86 -14.39
C VAL B 72 24.83 -16.53 -13.75
N TYR B 73 25.99 -16.38 -14.42
CA TYR B 73 27.22 -17.08 -14.06
C TYR B 73 28.33 -16.09 -13.73
N TYR B 74 29.01 -16.31 -12.59
CA TYR B 74 30.09 -15.42 -12.11
C TYR B 74 31.45 -16.06 -12.36
N ALA B 75 32.34 -15.32 -13.04
CA ALA B 75 33.70 -15.82 -13.40
C ALA B 75 34.78 -14.73 -13.46
N ASP B 76 35.55 -14.60 -12.37
CA ASP B 76 36.70 -13.67 -12.27
C ASP B 76 36.25 -12.19 -12.36
N ASN B 77 35.41 -11.76 -11.41
CA ASN B 77 34.90 -10.37 -11.31
C ASN B 77 34.17 -9.91 -12.61
N HIS B 78 33.31 -10.79 -13.13
CA HIS B 78 32.58 -10.53 -14.37
C HIS B 78 31.37 -11.49 -14.47
N TRP B 79 30.18 -10.92 -14.70
CA TRP B 79 28.91 -11.68 -14.83
C TRP B 79 28.44 -11.76 -16.28
N ASP B 80 28.01 -12.95 -16.71
CA ASP B 80 27.40 -13.16 -18.04
C ASP B 80 26.29 -14.23 -17.90
N ASN B 81 25.72 -14.70 -19.01
CA ASN B 81 24.61 -15.68 -18.99
C ASN B 81 25.00 -17.08 -19.49
N ARG B 82 26.13 -17.61 -18.99
CA ARG B 82 26.53 -18.98 -19.35
C ARG B 82 25.63 -19.94 -18.61
N PRO B 83 25.36 -21.14 -19.20
CA PRO B 83 24.58 -22.10 -18.42
C PRO B 83 25.44 -22.65 -17.26
N GLY B 84 24.78 -23.22 -16.27
CA GLY B 84 25.44 -23.76 -15.07
C GLY B 84 25.48 -22.86 -13.86
N GLY B 85 24.90 -21.66 -13.95
CA GLY B 85 24.80 -20.70 -12.84
C GLY B 85 23.41 -20.75 -12.25
N LYS B 86 23.13 -19.87 -11.29
CA LYS B 86 21.79 -19.80 -10.68
C LYS B 86 20.83 -19.30 -11.73
N MET B 87 19.67 -19.93 -11.83
CA MET B 87 18.69 -19.60 -12.88
C MET B 87 17.46 -18.88 -12.33
N PHE B 88 17.01 -17.85 -13.08
CA PHE B 88 15.82 -17.05 -12.78
C PHE B 88 14.93 -16.97 -14.02
N GLY B 89 13.73 -16.43 -13.84
CA GLY B 89 12.75 -16.23 -14.92
C GLY B 89 11.34 -16.13 -14.39
N PHE B 90 10.47 -15.39 -15.09
CA PHE B 90 9.08 -15.19 -14.63
C PHE B 90 8.36 -16.53 -14.44
N ASN B 91 7.67 -16.66 -13.30
CA ASN B 91 6.95 -17.87 -12.90
C ASN B 91 5.45 -17.59 -12.81
N PRO B 92 4.66 -17.97 -13.87
CA PRO B 92 3.19 -17.80 -13.85
C PRO B 92 2.46 -18.47 -12.64
N GLU B 93 3.00 -19.60 -12.15
CA GLU B 93 2.46 -20.29 -10.96
C GLU B 93 2.52 -19.39 -9.72
N ALA B 94 3.60 -18.62 -9.59
CA ALA B 94 3.78 -17.66 -8.49
C ALA B 94 2.88 -16.44 -8.67
N ALA B 95 2.70 -16.00 -9.91
CA ALA B 95 1.80 -14.89 -10.26
C ALA B 95 0.35 -15.27 -9.95
N SER B 96 -0.06 -16.46 -10.42
CA SER B 96 -1.43 -17.03 -10.14
C SER B 96 -1.80 -17.06 -8.68
N ILE B 97 -0.83 -17.37 -7.80
CA ILE B 97 -1.05 -17.36 -6.34
C ILE B 97 -1.32 -15.91 -5.86
N LEU B 98 -0.54 -14.94 -6.37
CA LEU B 98 -0.72 -13.52 -6.04
C LEU B 98 -2.01 -12.90 -6.63
N GLU B 99 -2.51 -13.45 -7.75
CA GLU B 99 -3.80 -12.97 -8.34
C GLU B 99 -5.01 -13.20 -7.45
N ARG B 100 -4.96 -14.21 -6.56
CA ARG B 100 -6.05 -14.45 -5.60
C ARG B 100 -6.04 -13.34 -4.54
N LYS B 101 -4.86 -13.08 -3.96
CA LYS B 101 -4.70 -11.97 -2.99
C LYS B 101 -4.88 -10.59 -3.66
N TYR B 102 -4.52 -10.47 -4.95
CA TYR B 102 -4.61 -9.21 -5.71
C TYR B 102 -5.32 -9.42 -7.08
N PRO B 103 -6.67 -9.48 -7.11
CA PRO B 103 -7.43 -9.65 -8.38
C PRO B 103 -7.16 -8.66 -9.54
N PHE B 104 -6.90 -7.39 -9.21
CA PHE B 104 -6.63 -6.32 -10.22
C PHE B 104 -5.48 -6.62 -11.20
N THR B 105 -4.44 -7.28 -10.70
CA THR B 105 -3.28 -7.72 -11.50
C THR B 105 -3.53 -8.62 -12.71
N LYS B 106 -4.60 -9.43 -12.67
CA LYS B 106 -4.87 -10.46 -13.71
C LYS B 106 -4.65 -9.95 -15.16
N GLY B 107 -3.79 -10.67 -15.89
CA GLY B 107 -3.42 -10.33 -17.25
C GLY B 107 -2.66 -9.02 -17.43
N LYS B 108 -2.03 -8.50 -16.36
CA LYS B 108 -1.30 -7.22 -16.40
C LYS B 108 0.10 -7.29 -15.73
N TRP B 109 0.69 -8.49 -15.69
CA TRP B 109 2.02 -8.70 -15.13
C TRP B 109 3.12 -8.36 -16.12
N ASN B 110 2.93 -8.84 -17.37
CA ASN B 110 3.94 -8.77 -18.43
C ASN B 110 3.70 -7.68 -19.47
N ILE B 111 3.42 -6.47 -18.98
CA ILE B 111 3.15 -5.29 -19.82
C ILE B 111 4.08 -4.09 -19.47
N ASN B 112 5.20 -4.39 -18.78
CA ASN B 112 6.20 -3.40 -18.37
C ASN B 112 5.67 -2.27 -17.45
N LYS B 113 4.67 -2.60 -16.62
CA LYS B 113 4.08 -1.63 -15.67
C LYS B 113 4.45 -1.97 -14.24
N GLN B 114 4.28 -0.95 -13.38
CA GLN B 114 4.56 -1.05 -11.97
C GLN B 114 3.27 -1.46 -11.29
N ILE B 115 3.24 -2.68 -10.75
CA ILE B 115 2.08 -3.21 -10.06
C ILE B 115 2.13 -2.65 -8.63
N CYS B 116 1.55 -1.45 -8.47
CA CYS B 116 1.34 -0.82 -7.18
C CYS B 116 0.35 -1.64 -6.40
N VAL B 117 0.83 -2.36 -5.38
CA VAL B 117 -0.02 -3.18 -4.53
C VAL B 117 -0.72 -2.42 -3.42
N THR B 118 -0.16 -1.28 -3.06
CA THR B 118 -0.69 -0.40 -2.07
C THR B 118 -2.05 0.17 -2.53
N THR B 119 -2.02 1.13 -3.45
CA THR B 119 -3.21 1.68 -4.07
C THR B 119 -3.39 0.69 -5.17
N ARG B 120 -4.45 -0.10 -5.14
CA ARG B 120 -4.63 -1.20 -6.11
C ARG B 120 -4.79 -0.73 -7.56
N ARG B 121 -3.64 -0.34 -8.12
CA ARG B 121 -3.53 0.25 -9.46
C ARG B 121 -2.27 -0.25 -10.18
N ILE B 122 -2.27 -0.05 -11.49
CA ILE B 122 -1.19 -0.44 -12.38
C ILE B 122 -0.86 0.80 -13.18
N GLU B 123 0.23 1.46 -12.79
CA GLU B 123 0.69 2.71 -13.37
C GLU B 123 2.08 2.55 -13.94
N ASP B 124 2.58 3.63 -14.55
CA ASP B 124 3.97 3.71 -15.02
C ASP B 124 4.90 3.77 -13.81
N PHE B 125 6.19 3.54 -14.03
CA PHE B 125 7.18 3.52 -12.94
C PHE B 125 7.22 4.85 -12.16
N ASN B 126 7.43 4.75 -10.85
CA ASN B 126 7.52 5.88 -9.95
C ASN B 126 8.59 5.55 -8.89
N PRO B 127 9.66 6.40 -8.77
CA PRO B 127 10.74 6.12 -7.79
C PRO B 127 10.32 6.03 -6.31
N THR B 128 9.25 6.76 -5.95
CA THR B 128 8.71 6.78 -4.59
C THR B 128 7.82 5.58 -4.24
N THR B 129 7.31 4.85 -5.24
CA THR B 129 6.41 3.69 -5.04
C THR B 129 7.12 2.35 -4.78
N ASN B 130 6.43 1.49 -4.01
CA ASN B 130 6.86 0.10 -3.68
C ASN B 130 8.23 0.00 -3.02
N ILE B 131 8.46 0.84 -2.02
CA ILE B 131 9.75 0.86 -1.30
C ILE B 131 9.90 -0.40 -0.43
N ILE B 132 8.80 -0.83 0.21
CA ILE B 132 8.79 -2.00 1.12
C ILE B 132 7.87 -3.09 0.55
N PRO B 133 8.37 -4.35 0.45
CA PRO B 133 7.59 -5.43 -0.14
C PRO B 133 6.47 -5.89 0.79
N ALA B 134 5.24 -5.89 0.27
CA ALA B 134 4.03 -6.28 1.03
C ALA B 134 4.04 -7.71 1.58
N ASN B 135 4.66 -8.63 0.83
CA ASN B 135 4.74 -10.05 1.25
C ASN B 135 5.69 -10.32 2.42
N ARG B 136 6.78 -9.54 2.51
CA ARG B 136 7.82 -9.77 3.54
C ARG B 136 7.45 -9.33 4.94
N ARG B 137 7.54 -10.26 5.90
CA ARG B 137 7.38 -9.96 7.32
C ARG B 137 8.75 -9.46 7.73
N LEU B 138 8.83 -8.18 8.11
CA LEU B 138 10.09 -7.54 8.49
C LEU B 138 10.58 -8.15 9.80
N PRO B 139 11.88 -8.49 9.88
CA PRO B 139 12.40 -9.14 11.10
C PRO B 139 12.47 -8.25 12.35
N HIS B 140 12.47 -6.92 12.20
CA HIS B 140 12.53 -6.01 13.34
C HIS B 140 11.93 -4.61 13.02
N SER B 141 11.91 -3.74 14.03
CA SER B 141 11.38 -2.40 13.92
C SER B 141 12.27 -1.52 13.08
N LEU B 142 11.65 -0.57 12.38
CA LEU B 142 12.35 0.43 11.57
C LEU B 142 12.00 1.79 12.17
N VAL B 143 12.44 2.88 11.54
CA VAL B 143 12.16 4.23 12.01
C VAL B 143 11.41 4.94 10.88
N ALA B 144 10.38 5.69 11.26
CA ALA B 144 9.54 6.41 10.31
C ALA B 144 10.25 7.57 9.61
N GLU B 145 11.22 8.19 10.29
CA GLU B 145 11.94 9.37 9.83
C GLU B 145 13.43 9.34 10.14
N HIS B 146 14.31 9.53 9.14
CA HIS B 146 15.78 9.59 9.39
C HIS B 146 16.09 10.89 10.10
N ARG B 147 16.97 10.83 11.12
CA ARG B 147 17.29 11.95 11.97
C ARG B 147 18.76 11.81 12.38
N PRO B 148 19.64 12.84 12.11
CA PRO B 148 21.04 12.71 12.62
C PRO B 148 21.12 12.69 14.17
N VAL B 149 22.23 12.18 14.73
CA VAL B 149 22.45 12.09 16.16
C VAL B 149 23.86 12.58 16.47
N LYS B 150 23.98 13.64 17.28
CA LYS B 150 25.26 14.16 17.76
C LYS B 150 25.67 13.20 18.88
N GLY B 151 26.37 12.14 18.50
CA GLY B 151 26.78 11.05 19.41
C GLY B 151 28.18 11.10 19.98
N GLU B 152 28.54 9.97 20.60
CA GLU B 152 29.87 9.70 21.16
C GLU B 152 30.85 9.32 20.06
N ARG B 153 32.13 9.28 20.43
CA ARG B 153 33.18 8.77 19.54
C ARG B 153 33.08 7.23 19.49
N MET B 154 33.36 6.68 18.31
CA MET B 154 33.33 5.20 18.09
C MET B 154 34.42 4.44 18.85
N GLU B 155 35.55 5.10 19.08
CA GLU B 155 36.69 4.56 19.84
C GLU B 155 36.24 3.95 21.19
N TRP B 156 35.30 4.63 21.85
CA TRP B 156 34.68 4.20 23.12
C TRP B 156 34.03 2.76 22.95
N LEU B 157 33.39 2.47 21.80
CA LEU B 157 32.85 1.11 21.50
C LEU B 157 33.94 0.09 21.17
N VAL B 158 34.89 0.49 20.33
CA VAL B 158 35.98 -0.41 19.86
C VAL B 158 36.93 -0.80 21.00
N ASN B 159 37.29 0.17 21.84
CA ASN B 159 38.18 -0.06 23.01
C ASN B 159 37.59 -1.04 24.05
N LYS B 160 36.25 -1.13 24.14
CA LYS B 160 35.60 -2.15 25.01
C LYS B 160 35.76 -3.59 24.51
N ILE B 161 35.89 -3.78 23.19
CA ILE B 161 35.95 -5.13 22.57
C ILE B 161 37.36 -5.70 22.63
N ASN B 162 37.48 -6.95 23.11
CA ASN B 162 38.79 -7.66 23.20
C ASN B 162 39.41 -7.99 21.85
N GLY B 163 40.74 -7.93 21.81
CA GLY B 163 41.53 -8.24 20.61
C GLY B 163 42.53 -7.15 20.39
N HIS B 164 43.83 -7.49 20.42
CA HIS B 164 44.91 -6.51 20.26
C HIS B 164 45.10 -6.13 18.78
N HIS B 165 45.22 -7.15 17.92
CA HIS B 165 45.45 -6.95 16.48
C HIS B 165 44.13 -6.61 15.77
N VAL B 166 43.98 -5.34 15.37
CA VAL B 166 42.75 -4.81 14.72
C VAL B 166 42.94 -4.52 13.23
N LEU B 167 41.91 -4.87 12.43
CA LEU B 167 41.82 -4.51 11.03
C LEU B 167 40.68 -3.52 10.94
N LEU B 168 40.97 -2.29 10.52
CA LEU B 168 39.96 -1.26 10.34
C LEU B 168 39.74 -1.12 8.84
N VAL B 169 38.49 -1.34 8.41
CA VAL B 169 38.07 -1.13 7.03
C VAL B 169 37.24 0.14 7.18
N SER B 170 37.75 1.27 6.65
CA SER B 170 37.09 2.56 6.82
C SER B 170 37.59 3.66 5.88
N GLY B 171 36.73 4.64 5.64
CA GLY B 171 37.09 5.83 4.87
C GLY B 171 37.98 6.78 5.67
N TYR B 172 37.94 6.68 7.01
CA TYR B 172 38.71 7.51 7.95
C TYR B 172 39.28 6.66 9.09
N ASN B 173 40.35 7.14 9.71
CA ASN B 173 41.06 6.43 10.79
C ASN B 173 40.50 6.74 12.17
N LEU B 174 40.73 5.82 13.11
CA LEU B 174 40.35 5.97 14.53
C LEU B 174 41.60 6.03 15.39
N ALA B 175 41.47 6.62 16.58
CA ALA B 175 42.56 6.71 17.54
C ALA B 175 42.41 5.54 18.53
N LEU B 176 43.22 4.49 18.35
CA LEU B 176 43.19 3.29 19.18
C LEU B 176 44.62 3.02 19.72
N PRO B 177 45.03 3.74 20.80
CA PRO B 177 46.41 3.57 21.36
C PRO B 177 46.71 2.17 21.92
N THR B 178 45.71 1.58 22.59
CA THR B 178 45.82 0.23 23.15
C THR B 178 45.82 -0.90 22.10
N LYS B 179 45.40 -0.60 20.85
CA LYS B 179 45.32 -1.56 19.75
C LYS B 179 46.45 -1.42 18.73
N ARG B 180 46.79 -2.53 18.05
CA ARG B 180 47.75 -2.56 16.93
C ARG B 180 46.90 -2.57 15.65
N VAL B 181 46.66 -1.38 15.09
CA VAL B 181 45.75 -1.18 13.97
C VAL B 181 46.44 -1.26 12.58
N THR B 182 45.79 -1.99 11.66
CA THR B 182 46.13 -2.07 10.23
C THR B 182 44.91 -1.43 9.55
N TRP B 183 45.05 -0.18 9.08
CA TRP B 183 43.94 0.57 8.43
C TRP B 183 43.87 0.38 6.89
N VAL B 184 42.79 -0.26 6.44
CA VAL B 184 42.45 -0.47 5.02
C VAL B 184 41.40 0.60 4.67
N ALA B 185 41.51 1.19 3.47
CA ALA B 185 40.62 2.30 3.04
C ALA B 185 40.30 2.28 1.54
N PRO B 186 39.21 3.00 1.11
CA PRO B 186 38.92 3.05 -0.32
C PRO B 186 40.01 3.82 -1.08
N LEU B 187 40.09 3.60 -2.38
CA LEU B 187 41.14 4.19 -3.23
C LEU B 187 41.13 5.71 -3.16
N GLY B 188 42.31 6.31 -3.30
CA GLY B 188 42.47 7.76 -3.19
C GLY B 188 42.60 8.32 -1.77
N VAL B 189 42.40 7.50 -0.73
CA VAL B 189 42.56 7.92 0.66
C VAL B 189 44.06 7.77 1.02
N ARG B 190 44.62 8.82 1.63
CA ARG B 190 46.02 8.89 2.07
C ARG B 190 46.01 8.69 3.59
N GLY B 191 47.18 8.26 4.11
CA GLY B 191 47.35 7.98 5.54
C GLY B 191 47.04 6.55 5.95
N ALA B 192 46.58 5.71 5.01
CA ALA B 192 46.21 4.33 5.30
C ALA B 192 47.34 3.37 5.01
N ASP B 193 47.26 2.21 5.67
CA ASP B 193 48.24 1.15 5.49
C ASP B 193 48.03 0.50 4.13
N TYR B 194 46.77 0.28 3.74
CA TYR B 194 46.44 -0.26 2.41
C TYR B 194 45.22 0.43 1.84
N THR B 195 45.12 0.43 0.51
CA THR B 195 43.97 0.96 -0.22
C THR B 195 43.52 -0.10 -1.22
N TYR B 196 42.20 -0.32 -1.28
CA TYR B 196 41.58 -1.29 -2.19
C TYR B 196 40.23 -0.80 -2.64
N ASN B 197 39.81 -1.25 -3.83
CA ASN B 197 38.48 -0.96 -4.32
C ASN B 197 37.57 -1.87 -3.51
N LEU B 198 36.95 -1.30 -2.47
CA LEU B 198 36.11 -2.08 -1.54
C LEU B 198 34.81 -2.67 -2.16
N GLU B 199 34.40 -2.17 -3.36
CA GLU B 199 33.28 -2.79 -4.10
C GLU B 199 33.70 -4.15 -4.75
N LEU B 200 34.98 -4.57 -4.59
CA LEU B 200 35.46 -5.89 -5.00
C LEU B 200 35.81 -6.77 -3.77
N GLY B 201 35.43 -6.35 -2.55
CA GLY B 201 35.69 -7.08 -1.31
C GLY B 201 36.99 -6.75 -0.60
N LEU B 202 37.42 -7.66 0.27
CA LEU B 202 38.66 -7.56 1.05
C LEU B 202 39.53 -8.76 0.70
N PRO B 203 40.78 -8.52 0.25
CA PRO B 203 41.62 -9.67 -0.15
C PRO B 203 42.17 -10.44 1.07
N ALA B 204 42.15 -11.78 0.97
CA ALA B 204 42.69 -12.69 2.01
C ALA B 204 44.16 -12.41 2.40
N THR B 205 44.94 -11.86 1.44
CA THR B 205 46.36 -11.44 1.65
C THR B 205 46.59 -10.53 2.89
N LEU B 206 45.57 -9.77 3.29
CA LEU B 206 45.58 -8.93 4.53
C LEU B 206 45.89 -9.66 5.85
N GLY B 207 45.65 -10.98 5.90
CA GLY B 207 45.96 -11.79 7.08
C GLY B 207 44.84 -11.84 8.08
N ARG B 208 45.06 -12.59 9.16
CA ARG B 208 44.05 -12.82 10.20
C ARG B 208 44.30 -11.92 11.41
N TYR B 209 43.19 -11.45 12.01
CA TYR B 209 43.20 -10.50 13.11
C TYR B 209 42.30 -10.91 14.26
N ASP B 210 42.52 -10.29 15.42
CA ASP B 210 41.71 -10.52 16.64
C ASP B 210 40.36 -9.81 16.54
N LEU B 211 40.38 -8.57 16.03
CA LEU B 211 39.17 -7.75 15.82
C LEU B 211 39.17 -7.17 14.40
N VAL B 212 38.10 -7.42 13.65
CA VAL B 212 37.89 -6.85 12.32
C VAL B 212 36.77 -5.82 12.51
N VAL B 213 37.00 -4.59 12.04
CA VAL B 213 36.05 -3.47 12.20
C VAL B 213 35.61 -2.95 10.80
N ILE B 214 34.42 -3.33 10.38
CA ILE B 214 33.86 -2.87 9.08
C ILE B 214 33.10 -1.59 9.39
N ASN B 215 33.68 -0.47 8.97
CA ASN B 215 33.17 0.85 9.28
C ASN B 215 32.93 1.68 8.02
N ILE B 216 32.14 1.11 7.10
CA ILE B 216 31.74 1.81 5.87
C ILE B 216 30.29 2.25 6.06
N HIS B 217 30.04 3.51 5.69
CA HIS B 217 28.74 4.13 5.76
C HIS B 217 28.01 3.95 4.44
N THR B 218 26.70 4.18 4.48
CA THR B 218 25.81 4.09 3.32
C THR B 218 24.84 5.26 3.46
N PRO B 219 24.88 6.24 2.50
CA PRO B 219 23.98 7.39 2.59
C PRO B 219 22.50 7.01 2.71
N PHE B 220 21.75 7.78 3.49
CA PHE B 220 20.32 7.56 3.63
C PHE B 220 19.61 8.09 2.39
N ARG B 221 18.58 7.37 1.97
CA ARG B 221 17.66 7.82 0.93
C ARG B 221 16.31 7.15 1.16
N ILE B 222 15.24 7.91 0.95
CA ILE B 222 13.84 7.42 1.00
C ILE B 222 13.34 6.90 2.38
N HIS B 223 13.92 5.81 2.88
CA HIS B 223 13.44 5.16 4.12
C HIS B 223 14.50 4.26 4.75
N HIS B 224 14.32 3.88 6.04
CA HIS B 224 15.20 2.94 6.78
C HIS B 224 15.40 1.67 5.97
N TYR B 225 14.30 1.00 5.62
CA TYR B 225 14.31 -0.21 4.75
C TYR B 225 15.22 -0.07 3.54
N GLN B 226 15.12 1.07 2.84
CA GLN B 226 15.95 1.35 1.65
C GLN B 226 17.44 1.50 2.00
N GLN B 227 17.74 2.04 3.18
CA GLN B 227 19.14 2.18 3.66
C GLN B 227 19.75 0.79 3.94
N CYS B 228 18.93 -0.17 4.40
CA CYS B 228 19.38 -1.56 4.55
C CYS B 228 19.63 -2.19 3.18
N VAL B 229 18.72 -1.92 2.23
CA VAL B 229 18.84 -2.41 0.84
C VAL B 229 20.13 -1.88 0.20
N ASP B 230 20.36 -0.56 0.32
CA ASP B 230 21.57 0.06 -0.23
C ASP B 230 22.86 -0.45 0.45
N HIS B 231 22.79 -0.72 1.75
CA HIS B 231 23.94 -1.24 2.52
C HIS B 231 24.17 -2.75 2.34
N ALA B 232 23.12 -3.49 1.97
CA ALA B 232 23.14 -4.99 1.76
C ALA B 232 24.37 -5.58 1.07
N MET B 233 24.76 -4.98 -0.06
CA MET B 233 25.92 -5.49 -0.81
C MET B 233 27.24 -5.30 -0.04
N LYS B 234 27.34 -4.28 0.81
CA LYS B 234 28.56 -4.06 1.62
C LYS B 234 28.66 -5.15 2.68
N LEU B 235 27.53 -5.47 3.34
CA LEU B 235 27.46 -6.60 4.30
C LEU B 235 27.91 -7.90 3.66
N GLN B 236 27.36 -8.18 2.46
CA GLN B 236 27.67 -9.40 1.70
C GLN B 236 29.14 -9.53 1.40
N MET B 237 29.70 -8.44 0.87
CA MET B 237 31.08 -8.38 0.41
C MET B 237 32.07 -8.27 1.53
N LEU B 238 32.00 -7.19 2.29
CA LEU B 238 32.97 -6.90 3.36
C LEU B 238 32.77 -7.82 4.57
N GLY B 239 31.53 -8.04 4.98
CA GLY B 239 31.24 -8.96 6.10
C GLY B 239 31.63 -10.41 5.80
N GLY B 240 31.31 -10.87 4.61
CA GLY B 240 31.64 -12.24 4.15
C GLY B 240 33.13 -12.43 4.00
N ASP B 241 33.79 -11.49 3.31
CA ASP B 241 35.26 -11.55 3.09
C ASP B 241 36.08 -11.41 4.37
N SER B 242 35.49 -10.81 5.41
CA SER B 242 36.13 -10.73 6.74
C SER B 242 36.31 -12.09 7.41
N LEU B 243 35.50 -13.10 7.04
CA LEU B 243 35.59 -14.48 7.62
C LEU B 243 36.98 -15.14 7.44
N ARG B 244 37.68 -14.85 6.32
CA ARG B 244 39.08 -15.32 6.07
C ARG B 244 40.18 -14.39 6.68
N LEU B 245 39.76 -13.35 7.40
CA LEU B 245 40.62 -12.38 8.06
C LEU B 245 40.43 -12.39 9.59
N LEU B 246 40.05 -13.55 10.15
CA LEU B 246 39.81 -13.71 11.59
C LEU B 246 40.60 -14.88 12.18
N LYS B 247 41.38 -14.60 13.22
CA LYS B 247 42.10 -15.64 13.94
C LYS B 247 41.10 -16.38 14.82
N PRO B 248 41.44 -17.63 15.25
CA PRO B 248 40.52 -18.38 16.12
C PRO B 248 40.20 -17.58 17.38
N GLY B 249 38.92 -17.49 17.71
CA GLY B 249 38.43 -16.70 18.84
C GLY B 249 38.32 -15.20 18.60
N GLY B 250 38.49 -14.75 17.35
CA GLY B 250 38.40 -13.35 17.00
C GLY B 250 36.97 -12.85 16.88
N SER B 251 36.81 -11.53 16.70
CA SER B 251 35.50 -10.88 16.60
C SER B 251 35.38 -9.97 15.36
N LEU B 252 34.13 -9.79 14.91
CA LEU B 252 33.78 -8.98 13.74
C LEU B 252 32.74 -7.94 14.14
N LEU B 253 33.14 -6.66 14.14
CA LEU B 253 32.27 -5.52 14.42
C LEU B 253 31.94 -4.89 13.07
N ILE B 254 30.65 -4.68 12.79
CA ILE B 254 30.20 -4.13 11.49
C ILE B 254 29.19 -2.99 11.68
N ARG B 255 29.55 -1.76 11.23
CA ARG B 255 28.62 -0.63 11.21
C ARG B 255 27.60 -0.98 10.14
N ALA B 256 26.32 -0.88 10.50
CA ALA B 256 25.24 -1.20 9.56
C ALA B 256 23.94 -0.51 9.97
N TYR B 257 22.80 -0.87 9.35
CA TYR B 257 21.50 -0.23 9.60
C TYR B 257 20.40 -1.24 9.93
N GLY B 258 20.78 -2.47 10.30
CA GLY B 258 19.85 -3.58 10.52
C GLY B 258 19.96 -4.58 9.37
N TYR B 259 18.98 -5.48 9.31
CA TYR B 259 18.82 -6.49 8.27
C TYR B 259 17.34 -6.60 7.83
N ALA B 260 16.75 -5.44 7.53
CA ALA B 260 15.30 -5.34 7.19
C ALA B 260 14.90 -6.08 5.93
N ASP B 261 15.76 -5.99 4.92
CA ASP B 261 15.53 -6.65 3.63
C ASP B 261 16.03 -8.10 3.61
N ARG B 262 15.47 -8.86 2.67
CA ARG B 262 15.80 -10.27 2.44
C ARG B 262 17.30 -10.61 2.34
N THR B 263 18.04 -9.80 1.58
CA THR B 263 19.47 -10.01 1.33
C THR B 263 20.32 -9.82 2.56
N SER B 264 20.06 -8.74 3.30
CA SER B 264 20.81 -8.44 4.54
C SER B 264 20.58 -9.53 5.58
N GLU B 265 19.34 -9.95 5.77
CA GLU B 265 19.02 -11.04 6.72
C GLU B 265 19.72 -12.39 6.37
N ARG B 266 19.91 -12.68 5.07
CA ARG B 266 20.62 -13.90 4.63
C ARG B 266 22.08 -13.84 5.06
N VAL B 267 22.73 -12.70 4.79
CA VAL B 267 24.15 -12.48 5.14
C VAL B 267 24.36 -12.71 6.64
N ILE B 268 23.52 -12.07 7.46
CA ILE B 268 23.60 -12.18 8.92
C ILE B 268 23.44 -13.63 9.40
N CYS B 269 22.56 -14.40 8.76
CA CYS B 269 22.40 -15.84 9.09
C CYS B 269 23.66 -16.64 8.74
N VAL B 270 24.29 -16.33 7.60
CA VAL B 270 25.56 -16.99 7.20
C VAL B 270 26.69 -16.68 8.20
N LEU B 271 26.82 -15.40 8.57
CA LEU B 271 27.85 -14.94 9.52
C LEU B 271 27.63 -15.50 10.93
N GLY B 272 26.40 -15.37 11.45
CA GLY B 272 26.01 -15.87 12.79
C GLY B 272 26.34 -17.33 13.15
N ARG B 273 26.41 -18.20 12.15
CA ARG B 273 26.77 -19.62 12.32
C ARG B 273 28.24 -19.87 12.69
N LYS B 274 29.13 -18.89 12.47
CA LYS B 274 30.59 -19.06 12.69
C LYS B 274 31.17 -18.51 13.99
N PHE B 275 30.33 -17.85 14.80
CA PHE B 275 30.72 -17.20 16.04
C PHE B 275 29.95 -17.79 17.21
N ARG B 276 30.59 -17.83 18.39
CA ARG B 276 29.99 -18.39 19.63
C ARG B 276 28.71 -17.64 19.98
N SER B 277 28.77 -16.31 19.90
CA SER B 277 27.61 -15.43 20.12
C SER B 277 27.63 -14.29 19.10
N SER B 278 26.44 -13.78 18.79
CA SER B 278 26.24 -12.69 17.84
C SER B 278 25.28 -11.68 18.48
N ARG B 279 25.65 -10.40 18.47
CA ARG B 279 24.86 -9.31 19.10
C ARG B 279 24.64 -8.14 18.16
N ALA B 280 23.46 -7.50 18.27
CA ALA B 280 23.07 -6.30 17.52
C ALA B 280 23.00 -5.15 18.54
N LEU B 281 23.93 -4.18 18.39
CA LEU B 281 24.07 -3.04 19.28
C LEU B 281 23.54 -1.76 18.70
N LYS B 282 23.16 -0.83 19.59
CA LYS B 282 22.79 0.54 19.22
C LYS B 282 23.41 1.43 20.32
N PRO B 283 24.75 1.59 20.29
CA PRO B 283 25.44 2.33 21.33
C PRO B 283 25.37 3.86 21.13
N PRO B 284 25.81 4.64 22.13
CA PRO B 284 25.92 6.12 22.02
C PRO B 284 26.77 6.66 20.87
N CYS B 285 27.69 5.86 20.31
CA CYS B 285 28.57 6.32 19.22
C CYS B 285 28.00 6.27 17.75
N VAL B 286 26.67 6.22 17.61
CA VAL B 286 26.01 6.25 16.29
C VAL B 286 25.93 7.70 15.77
N THR B 287 25.91 7.85 14.44
CA THR B 287 25.76 9.17 13.75
C THR B 287 24.31 9.45 13.27
N SER B 288 23.39 8.48 13.43
CA SER B 288 21.99 8.66 13.01
C SER B 288 20.99 7.72 13.68
N ASN B 289 19.73 8.09 13.49
CA ASN B 289 18.54 7.36 13.96
C ASN B 289 18.50 5.90 13.53
N THR B 290 18.92 5.67 12.28
CA THR B 290 18.93 4.37 11.60
C THR B 290 20.14 3.45 11.83
N GLU B 291 21.22 3.96 12.43
CA GLU B 291 22.47 3.15 12.61
C GLU B 291 22.45 2.15 13.73
N MET B 292 23.32 1.16 13.58
CA MET B 292 23.51 0.09 14.54
C MET B 292 24.83 -0.62 14.22
N PHE B 293 25.32 -1.42 15.17
CA PHE B 293 26.54 -2.21 14.97
C PHE B 293 26.25 -3.68 15.24
N PHE B 294 26.73 -4.56 14.36
CA PHE B 294 26.69 -6.00 14.57
C PHE B 294 27.99 -6.37 15.24
N LEU B 295 27.94 -7.04 16.40
CA LEU B 295 29.15 -7.55 17.07
C LEU B 295 29.07 -9.07 17.07
N PHE B 296 29.85 -9.69 16.18
CA PHE B 296 29.98 -11.13 16.10
C PHE B 296 31.20 -11.47 16.94
N SER B 297 31.03 -12.25 18.01
CA SER B 297 32.11 -12.56 18.97
C SER B 297 32.55 -14.02 19.03
N ASN B 298 33.87 -14.23 19.17
CA ASN B 298 34.48 -15.55 19.35
C ASN B 298 34.27 -16.48 18.12
N PHE B 299 35.04 -16.19 17.07
CA PHE B 299 35.02 -16.90 15.80
C PHE B 299 35.62 -18.30 15.89
N ASP B 300 34.89 -19.33 15.43
CA ASP B 300 35.42 -20.72 15.32
C ASP B 300 35.31 -21.33 13.89
N ASN B 301 34.84 -20.53 12.91
CA ASN B 301 34.59 -20.97 11.52
C ASN B 301 33.65 -22.20 11.45
N GLY B 302 32.74 -22.29 12.42
CA GLY B 302 31.84 -23.41 12.54
C GLY B 302 30.58 -23.23 11.77
N ARG B 303 29.62 -24.09 12.08
CA ARG B 303 28.30 -24.08 11.48
C ARG B 303 27.36 -24.57 12.55
N ARG B 304 26.86 -23.63 13.34
CA ARG B 304 25.92 -23.91 14.44
C ARG B 304 24.55 -23.44 14.04
N ASN B 305 23.55 -23.85 14.80
CA ASN B 305 22.18 -23.37 14.58
C ASN B 305 22.14 -21.90 14.93
N PHE B 306 21.62 -21.08 14.02
CA PHE B 306 21.50 -19.65 14.27
C PHE B 306 20.23 -19.10 13.64
N THR B 307 19.44 -18.41 14.47
CA THR B 307 18.25 -17.69 14.03
C THR B 307 18.43 -16.24 14.44
N THR B 308 17.74 -15.36 13.74
CA THR B 308 17.77 -13.91 14.04
C THR B 308 16.87 -13.51 15.25
N HIS B 309 16.09 -14.45 15.83
CA HIS B 309 15.18 -14.15 16.97
C HIS B 309 15.76 -13.29 18.10
N VAL B 310 17.03 -13.56 18.47
CA VAL B 310 17.72 -12.79 19.55
C VAL B 310 17.97 -11.35 19.14
N MET B 311 18.60 -11.17 17.97
CA MET B 311 18.86 -9.84 17.42
C MET B 311 17.58 -9.06 17.06
N ASN B 312 16.51 -9.77 16.67
CA ASN B 312 15.20 -9.16 16.37
C ASN B 312 14.69 -8.38 17.56
N ASN B 313 14.67 -9.04 18.72
CA ASN B 313 14.25 -8.43 20.01
C ASN B 313 15.18 -7.30 20.46
N GLN B 314 16.48 -7.45 20.20
CA GLN B 314 17.47 -6.40 20.49
C GLN B 314 17.19 -5.17 19.66
N LEU B 315 17.04 -5.36 18.34
CA LEU B 315 16.75 -4.25 17.42
C LEU B 315 15.35 -3.65 17.60
N ASN B 316 14.37 -4.44 18.08
CA ASN B 316 13.05 -3.90 18.42
C ASN B 316 13.18 -2.82 19.53
N ALA B 317 14.00 -3.11 20.55
CA ALA B 317 14.31 -2.14 21.61
C ALA B 317 15.13 -0.94 21.09
N ALA B 318 16.12 -1.22 20.23
CA ALA B 318 17.00 -0.19 19.63
C ALA B 318 16.27 0.81 18.72
N PHE B 319 15.48 0.30 17.77
CA PHE B 319 14.72 1.13 16.82
C PHE B 319 13.27 1.38 17.31
N VAL B 320 13.09 2.57 17.86
CA VAL B 320 11.82 3.08 18.41
C VAL B 320 11.38 4.33 17.51
N GLY B 321 12.29 5.28 17.17
CA GLY B 321 11.97 6.50 16.35
C GLY B 321 11.37 6.21 14.96
N PHE C 1 55.01 -26.97 -21.92
CA PHE C 1 53.99 -26.64 -20.80
C PHE C 1 54.11 -25.20 -20.25
N GLN C 2 54.32 -24.24 -21.15
CA GLN C 2 54.53 -22.81 -20.76
C GLN C 2 53.29 -22.16 -20.18
N ASN C 3 53.50 -21.36 -19.12
CA ASN C 3 52.47 -20.62 -18.31
C ASN C 3 51.27 -21.53 -17.81
N LYS C 4 51.67 -22.70 -17.29
CA LYS C 4 50.75 -23.67 -16.67
C LYS C 4 51.32 -24.00 -15.29
N ALA C 5 50.55 -23.73 -14.23
CA ALA C 5 50.99 -23.97 -12.83
C ALA C 5 50.52 -25.29 -12.19
N ASN C 6 49.40 -25.85 -12.66
CA ASN C 6 48.77 -27.07 -12.06
C ASN C 6 48.76 -28.32 -12.96
N VAL C 7 49.69 -28.40 -13.93
CA VAL C 7 49.73 -29.52 -14.92
C VAL C 7 50.85 -30.57 -14.67
N CYS C 8 51.26 -30.75 -13.39
CA CYS C 8 52.26 -31.78 -13.00
C CYS C 8 51.84 -33.18 -13.53
N TRP C 9 50.54 -33.47 -13.45
CA TRP C 9 49.90 -34.67 -14.02
C TRP C 9 50.18 -34.87 -15.54
N ALA C 10 50.19 -33.77 -16.31
CA ALA C 10 50.49 -33.79 -17.75
C ALA C 10 51.98 -34.05 -17.99
N LYS C 11 52.84 -33.40 -17.19
CA LYS C 11 54.29 -33.64 -17.22
C LYS C 11 54.60 -35.11 -16.90
N SER C 12 53.84 -35.71 -15.96
CA SER C 12 54.02 -37.14 -15.58
C SER C 12 53.77 -38.13 -16.71
N LEU C 13 52.95 -37.73 -17.70
CA LEU C 13 52.64 -38.58 -18.86
C LEU C 13 53.60 -38.48 -20.03
N VAL C 14 54.33 -37.37 -20.21
CA VAL C 14 55.27 -37.26 -21.39
C VAL C 14 56.21 -38.53 -21.54
N PRO C 15 56.84 -39.04 -20.44
CA PRO C 15 57.62 -40.28 -20.54
C PRO C 15 56.79 -41.52 -20.96
N ILE C 16 55.53 -41.62 -20.50
CA ILE C 16 54.62 -42.73 -20.88
C ILE C 16 54.22 -42.61 -22.35
N LEU C 17 53.90 -41.38 -22.80
CA LEU C 17 53.53 -41.13 -24.20
C LEU C 17 54.72 -41.38 -25.14
N GLU C 18 55.92 -41.00 -24.69
CA GLU C 18 57.19 -41.27 -25.42
C GLU C 18 57.42 -42.76 -25.71
N THR C 19 57.01 -43.67 -24.80
CA THR C 19 57.14 -45.14 -25.06
C THR C 19 56.28 -45.59 -26.27
N ALA C 20 55.14 -44.91 -26.48
CA ALA C 20 54.23 -45.15 -27.61
C ALA C 20 54.52 -44.27 -28.85
N GLY C 21 55.64 -43.54 -28.86
CA GLY C 21 55.96 -42.61 -29.94
C GLY C 21 55.05 -41.41 -30.06
N ILE C 22 54.36 -41.03 -28.98
CA ILE C 22 53.43 -39.88 -28.97
C ILE C 22 54.13 -38.72 -28.29
N LYS C 23 53.97 -37.54 -28.90
CA LYS C 23 54.48 -36.28 -28.41
C LYS C 23 53.39 -35.29 -28.75
N LEU C 24 52.77 -34.71 -27.71
CA LEU C 24 51.68 -33.76 -27.85
C LEU C 24 52.12 -32.33 -27.55
N ASN C 25 51.85 -31.41 -28.46
CA ASN C 25 52.14 -29.99 -28.24
C ASN C 25 51.08 -29.38 -27.33
N ASP C 26 51.34 -28.18 -26.81
CA ASP C 26 50.39 -27.50 -25.87
C ASP C 26 48.96 -27.32 -26.46
N ARG C 27 48.84 -27.14 -27.77
CA ARG C 27 47.53 -27.01 -28.43
C ARG C 27 46.76 -28.35 -28.41
N GLN C 28 47.44 -29.45 -28.75
CA GLN C 28 46.85 -30.82 -28.73
C GLN C 28 46.42 -31.24 -27.32
N TRP C 29 47.27 -30.95 -26.32
CA TRP C 29 46.94 -31.19 -24.90
C TRP C 29 45.66 -30.45 -24.51
N SER C 30 45.58 -29.15 -24.88
CA SER C 30 44.40 -28.29 -24.61
C SER C 30 43.10 -28.78 -25.25
N GLN C 31 43.20 -29.20 -26.50
CA GLN C 31 42.03 -29.71 -27.27
C GLN C 31 41.49 -31.06 -26.76
N ILE C 32 42.38 -31.97 -26.36
CA ILE C 32 41.97 -33.30 -25.88
C ILE C 32 41.38 -33.26 -24.48
N ILE C 33 42.10 -32.62 -23.56
CA ILE C 33 41.74 -32.56 -22.12
C ILE C 33 41.39 -31.14 -21.73
N GLN C 34 40.14 -30.93 -21.33
CA GLN C 34 39.67 -29.62 -20.90
C GLN C 34 40.43 -29.08 -19.68
N ALA C 35 40.68 -29.95 -18.71
CA ALA C 35 41.43 -29.58 -17.49
C ALA C 35 42.84 -29.03 -17.76
N PHE C 36 43.43 -29.39 -18.92
CA PHE C 36 44.72 -28.84 -19.34
C PHE C 36 44.52 -27.40 -19.81
N LYS C 37 43.55 -27.20 -20.72
CA LYS C 37 43.22 -25.85 -21.24
C LYS C 37 43.01 -24.89 -20.09
N GLU C 38 42.15 -25.28 -19.16
CA GLU C 38 41.81 -24.45 -17.96
C GLU C 38 42.85 -24.45 -16.83
N ASP C 39 43.89 -25.29 -16.94
CA ASP C 39 45.01 -25.38 -15.99
C ASP C 39 44.46 -25.72 -14.61
N LYS C 40 44.06 -26.99 -14.49
CA LYS C 40 43.47 -27.54 -13.27
C LYS C 40 44.12 -28.85 -12.90
N ALA C 41 44.00 -29.21 -11.62
CA ALA C 41 44.55 -30.46 -11.10
C ALA C 41 43.79 -31.62 -11.74
N TYR C 42 44.46 -32.77 -11.85
CA TYR C 42 43.88 -33.93 -12.55
C TYR C 42 44.69 -35.20 -12.20
N SER C 43 44.32 -36.32 -12.83
CA SER C 43 44.99 -37.60 -12.66
C SER C 43 45.67 -37.97 -14.00
N PRO C 44 46.91 -38.49 -13.96
CA PRO C 44 47.52 -38.97 -15.20
C PRO C 44 46.75 -40.13 -15.84
N GLU C 45 46.29 -41.11 -15.04
CA GLU C 45 45.54 -42.27 -15.58
C GLU C 45 44.28 -41.83 -16.34
N VAL C 46 43.52 -40.89 -15.75
CA VAL C 46 42.28 -40.39 -16.38
C VAL C 46 42.63 -39.71 -17.70
N ALA C 47 43.56 -38.75 -17.64
CA ALA C 47 44.11 -38.06 -18.83
C ALA C 47 44.59 -39.02 -19.92
N LEU C 48 45.35 -40.03 -19.50
CA LEU C 48 45.89 -41.05 -20.42
C LEU C 48 44.79 -41.83 -21.14
N ASN C 49 43.66 -42.07 -20.47
CA ASN C 49 42.51 -42.71 -21.11
C ASN C 49 41.96 -41.81 -22.24
N GLU C 50 41.88 -40.51 -21.96
CA GLU C 50 41.41 -39.53 -22.93
C GLU C 50 42.37 -39.42 -24.12
N ILE C 51 43.68 -39.34 -23.84
CA ILE C 51 44.72 -39.25 -24.89
C ILE C 51 44.69 -40.52 -25.76
N CYS C 52 44.74 -41.69 -25.10
CA CYS C 52 44.66 -42.99 -25.78
C CYS C 52 43.41 -43.15 -26.64
N THR C 53 42.26 -42.68 -26.13
CA THR C 53 40.98 -42.71 -26.88
C THR C 53 41.10 -41.89 -28.15
N ARG C 54 41.57 -40.65 -28.02
CA ARG C 54 41.75 -39.74 -29.18
C ARG C 54 42.84 -40.17 -30.19
N MET C 55 44.02 -40.53 -29.71
CA MET C 55 45.16 -40.90 -30.62
C MET C 55 45.04 -42.27 -31.28
N TYR C 56 44.52 -43.27 -30.55
CA TYR C 56 44.37 -44.65 -31.11
C TYR C 56 42.93 -45.11 -31.43
N GLY C 57 41.91 -44.30 -31.09
CA GLY C 57 40.49 -44.65 -31.33
C GLY C 57 39.93 -45.77 -30.46
N VAL C 58 40.62 -46.03 -29.34
CA VAL C 58 40.30 -47.11 -28.39
C VAL C 58 40.74 -46.68 -27.00
N ASP C 59 39.96 -47.01 -25.96
CA ASP C 59 40.29 -46.58 -24.57
C ASP C 59 41.40 -47.49 -23.95
N LEU C 60 41.67 -47.35 -22.65
CA LEU C 60 42.74 -48.14 -21.97
C LEU C 60 42.46 -49.64 -21.84
N ASP C 61 41.20 -50.09 -21.98
CA ASP C 61 40.87 -51.56 -21.93
C ASP C 61 41.44 -52.34 -23.12
N SER C 62 41.81 -51.63 -24.19
CA SER C 62 42.57 -52.21 -25.29
C SER C 62 43.93 -52.78 -24.79
N GLY C 63 44.48 -52.17 -23.74
CA GLY C 63 45.71 -52.59 -23.13
C GLY C 63 46.95 -51.99 -23.77
N LEU C 64 46.77 -51.00 -24.67
CA LEU C 64 47.90 -50.34 -25.37
C LEU C 64 48.93 -49.72 -24.44
N PHE C 65 48.50 -49.17 -23.30
CA PHE C 65 49.40 -48.58 -22.29
C PHE C 65 49.58 -49.45 -21.00
N SER C 66 49.33 -50.77 -21.10
CA SER C 66 49.37 -51.67 -19.92
C SER C 66 50.73 -52.33 -19.58
N LYS C 67 51.77 -52.10 -20.39
CA LYS C 67 53.10 -52.67 -20.12
C LYS C 67 53.72 -51.77 -19.05
N PRO C 68 54.09 -52.34 -17.87
CA PRO C 68 54.62 -51.50 -16.80
C PRO C 68 56.04 -51.05 -17.08
N LEU C 69 56.15 -49.91 -17.77
CA LEU C 69 57.43 -49.27 -18.11
C LEU C 69 57.76 -48.07 -17.23
N VAL C 70 56.78 -47.17 -17.06
CA VAL C 70 56.95 -45.90 -16.36
C VAL C 70 55.91 -45.70 -15.26
N SER C 71 56.38 -45.42 -14.03
CA SER C 71 55.52 -45.16 -12.87
C SER C 71 55.04 -43.72 -12.77
N VAL C 72 53.83 -43.55 -12.19
CA VAL C 72 53.24 -42.23 -11.85
C VAL C 72 52.85 -42.33 -10.37
N TYR C 73 53.44 -41.45 -9.55
CA TYR C 73 53.32 -41.49 -8.09
C TYR C 73 52.70 -40.21 -7.54
N TYR C 74 51.69 -40.36 -6.69
CA TYR C 74 50.96 -39.22 -6.09
C TYR C 74 51.40 -38.99 -4.65
N ALA C 75 51.82 -37.75 -4.34
CA ALA C 75 52.32 -37.38 -3.00
C ALA C 75 52.02 -35.92 -2.60
N ASP C 76 50.92 -35.74 -1.84
CA ASP C 76 50.48 -34.43 -1.29
C ASP C 76 50.16 -33.38 -2.37
N ASN C 77 49.14 -33.70 -3.16
CA ASN C 77 48.63 -32.84 -4.25
C ASN C 77 49.72 -32.49 -5.31
N HIS C 78 50.48 -33.51 -5.70
CA HIS C 78 51.60 -33.34 -6.65
C HIS C 78 51.98 -34.71 -7.26
N TRP C 79 52.02 -34.79 -8.58
CA TRP C 79 52.38 -36.00 -9.33
C TRP C 79 53.78 -35.92 -9.93
N ASP C 80 54.54 -37.00 -9.80
CA ASP C 80 55.89 -37.12 -10.43
C ASP C 80 56.08 -38.60 -10.85
N ASN C 81 57.28 -38.98 -11.31
CA ASN C 81 57.56 -40.35 -11.79
C ASN C 81 58.48 -41.17 -10.87
N ARG C 82 58.18 -41.17 -9.57
CA ARG C 82 58.94 -42.00 -8.61
C ARG C 82 58.53 -43.44 -8.82
N PRO C 83 59.45 -44.40 -8.58
CA PRO C 83 59.00 -45.79 -8.67
C PRO C 83 58.08 -46.11 -7.48
N GLY C 84 57.31 -47.19 -7.62
CA GLY C 84 56.35 -47.62 -6.59
C GLY C 84 54.90 -47.17 -6.79
N GLY C 85 54.63 -46.44 -7.89
CA GLY C 85 53.27 -46.01 -8.25
C GLY C 85 52.74 -46.93 -9.33
N LYS C 86 51.54 -46.60 -9.85
CA LYS C 86 50.93 -47.37 -10.93
C LYS C 86 51.78 -47.16 -12.17
N MET C 87 52.06 -48.23 -12.89
CA MET C 87 52.96 -48.17 -14.07
C MET C 87 52.21 -48.34 -15.38
N PHE C 88 52.60 -47.53 -16.38
CA PHE C 88 52.05 -47.55 -17.74
C PHE C 88 53.21 -47.60 -18.75
N GLY C 89 52.86 -47.81 -20.02
CA GLY C 89 53.83 -47.86 -21.12
C GLY C 89 53.28 -48.64 -22.30
N PHE C 90 53.71 -48.28 -23.52
CA PHE C 90 53.21 -48.94 -24.74
C PHE C 90 53.44 -50.44 -24.70
N ASN C 91 52.39 -51.21 -25.04
CA ASN C 91 52.40 -52.66 -25.02
C ASN C 91 52.22 -53.22 -26.43
N PRO C 92 53.34 -53.65 -27.10
CA PRO C 92 53.26 -54.27 -28.46
C PRO C 92 52.33 -55.50 -28.58
N GLU C 93 52.22 -56.29 -27.50
CA GLU C 93 51.29 -57.45 -27.44
C GLU C 93 49.82 -57.01 -27.62
N ALA C 94 49.46 -55.88 -27.02
CA ALA C 94 48.12 -55.29 -27.16
C ALA C 94 47.90 -54.70 -28.56
N ALA C 95 48.96 -54.08 -29.11
CA ALA C 95 48.94 -53.54 -30.48
C ALA C 95 48.76 -54.66 -31.50
N SER C 96 49.58 -55.71 -31.35
CA SER C 96 49.52 -56.93 -32.17
C SER C 96 48.11 -57.55 -32.28
N ILE C 97 47.37 -57.56 -31.16
CA ILE C 97 45.98 -58.06 -31.14
C ILE C 97 45.08 -57.13 -31.98
N LEU C 98 45.27 -55.82 -31.85
CA LEU C 98 44.50 -54.82 -32.64
C LEU C 98 44.87 -54.79 -34.13
N GLU C 99 46.10 -55.19 -34.49
CA GLU C 99 46.51 -55.29 -35.92
C GLU C 99 45.72 -56.34 -36.72
N ARG C 100 45.20 -57.38 -36.05
CA ARG C 100 44.35 -58.38 -36.72
C ARG C 100 43.00 -57.74 -37.07
N LYS C 101 42.37 -57.10 -36.08
CA LYS C 101 41.11 -56.36 -36.31
C LYS C 101 41.31 -55.14 -37.25
N TYR C 102 42.50 -54.50 -37.20
CA TYR C 102 42.84 -53.32 -37.99
C TYR C 102 44.19 -53.49 -38.73
N PRO C 103 44.22 -54.21 -39.87
CA PRO C 103 45.50 -54.41 -40.65
C PRO C 103 46.27 -53.14 -41.07
N PHE C 104 45.57 -52.05 -41.40
CA PHE C 104 46.21 -50.77 -41.85
C PHE C 104 47.23 -50.16 -40.87
N THR C 105 46.97 -50.33 -39.58
CA THR C 105 47.88 -49.88 -38.49
C THR C 105 49.30 -50.43 -38.47
N LYS C 106 49.51 -51.65 -39.02
CA LYS C 106 50.83 -52.38 -38.95
C LYS C 106 52.04 -51.45 -39.21
N GLY C 107 52.96 -51.41 -38.24
CA GLY C 107 54.14 -50.57 -38.29
C GLY C 107 53.91 -49.06 -38.29
N LYS C 108 52.73 -48.60 -37.82
CA LYS C 108 52.38 -47.16 -37.81
C LYS C 108 51.78 -46.68 -36.46
N TRP C 109 52.12 -47.39 -35.38
CA TRP C 109 51.65 -47.05 -34.04
C TRP C 109 52.50 -45.95 -33.41
N ASN C 110 53.83 -46.12 -33.54
CA ASN C 110 54.81 -45.26 -32.87
C ASN C 110 55.45 -44.20 -33.76
N ILE C 111 54.62 -43.48 -34.51
CA ILE C 111 55.05 -42.42 -35.44
C ILE C 111 54.34 -41.07 -35.16
N ASN C 112 53.78 -40.92 -33.95
CA ASN C 112 53.10 -39.71 -33.48
C ASN C 112 51.87 -39.30 -34.33
N LYS C 113 51.18 -40.30 -34.91
CA LYS C 113 49.98 -40.06 -35.74
C LYS C 113 48.71 -40.53 -35.02
N GLN C 114 47.58 -40.02 -35.51
CA GLN C 114 46.26 -40.33 -34.99
C GLN C 114 45.75 -41.50 -35.80
N ILE C 115 45.62 -42.65 -35.15
CA ILE C 115 45.11 -43.88 -35.80
C ILE C 115 43.58 -43.76 -35.80
N CYS C 116 43.06 -43.11 -36.85
CA CYS C 116 41.62 -43.05 -37.13
C CYS C 116 41.14 -44.42 -37.46
N VAL C 117 40.41 -45.04 -36.54
CA VAL C 117 39.84 -46.37 -36.74
C VAL C 117 38.55 -46.39 -37.53
N THR C 118 37.86 -45.27 -37.54
CA THR C 118 36.65 -45.07 -38.27
C THR C 118 36.91 -45.18 -39.79
N THR C 119 37.48 -44.12 -40.38
CA THR C 119 37.89 -44.11 -41.76
C THR C 119 39.25 -44.72 -41.60
N ARG C 120 39.46 -45.91 -42.14
CA ARG C 120 40.74 -46.65 -41.92
C ARG C 120 41.96 -45.95 -42.51
N ARG C 121 42.38 -44.90 -41.80
CA ARG C 121 43.46 -44.01 -42.20
C ARG C 121 44.31 -43.60 -41.00
N ILE C 122 45.49 -43.08 -41.30
CA ILE C 122 46.46 -42.62 -40.32
C ILE C 122 46.83 -41.21 -40.77
N GLU C 123 46.26 -40.23 -40.07
CA GLU C 123 46.41 -38.82 -40.36
C GLU C 123 47.02 -38.09 -39.17
N ASP C 124 47.26 -36.79 -39.35
CA ASP C 124 47.69 -35.90 -38.26
C ASP C 124 46.53 -35.71 -37.30
N PHE C 125 46.82 -35.18 -36.11
CA PHE C 125 45.79 -34.99 -35.07
C PHE C 125 44.63 -34.08 -35.56
N ASN C 126 43.41 -34.42 -35.12
CA ASN C 126 42.20 -33.69 -35.44
C ASN C 126 41.29 -33.69 -34.19
N PRO C 127 40.92 -32.49 -33.67
CA PRO C 127 40.08 -32.44 -32.43
C PRO C 127 38.71 -33.11 -32.52
N THR C 128 38.14 -33.15 -33.73
CA THR C 128 36.83 -33.77 -33.99
C THR C 128 36.86 -35.30 -34.13
N THR C 129 38.04 -35.88 -34.38
CA THR C 129 38.20 -37.35 -34.57
C THR C 129 38.38 -38.16 -33.27
N ASN C 130 37.91 -39.42 -33.32
CA ASN C 130 38.04 -40.43 -32.24
C ASN C 130 37.45 -39.99 -30.91
N ILE C 131 36.25 -39.45 -30.96
CA ILE C 131 35.56 -38.98 -29.73
C ILE C 131 35.12 -40.17 -28.85
N ILE C 132 34.63 -41.26 -29.49
CA ILE C 132 34.14 -42.45 -28.79
C ILE C 132 35.02 -43.67 -29.16
N PRO C 133 35.51 -44.41 -28.14
CA PRO C 133 36.40 -45.55 -28.38
C PRO C 133 35.66 -46.75 -28.99
N ALA C 134 36.15 -47.23 -30.13
CA ALA C 134 35.54 -48.35 -30.86
C ALA C 134 35.46 -49.67 -30.09
N ASN C 135 36.46 -49.91 -29.23
CA ASN C 135 36.51 -51.15 -28.41
C ASN C 135 35.49 -51.20 -27.28
N ARG C 136 35.16 -50.04 -26.69
CA ARG C 136 34.26 -49.97 -25.52
C ARG C 136 32.78 -50.17 -25.82
N ARG C 137 32.16 -51.15 -25.14
CA ARG C 137 30.73 -51.37 -25.20
C ARG C 137 30.17 -50.37 -24.19
N LEU C 138 29.43 -49.38 -24.67
CA LEU C 138 28.88 -48.32 -23.84
C LEU C 138 27.80 -48.91 -22.91
N PRO C 139 27.83 -48.55 -21.60
CA PRO C 139 26.89 -49.16 -20.66
C PRO C 139 25.42 -48.73 -20.83
N HIS C 140 25.17 -47.60 -21.50
CA HIS C 140 23.79 -47.12 -21.68
C HIS C 140 23.66 -46.19 -22.93
N SER C 141 22.43 -45.75 -23.19
CA SER C 141 22.12 -44.90 -24.33
C SER C 141 22.65 -43.51 -24.12
N LEU C 142 23.01 -42.84 -25.22
CA LEU C 142 23.46 -41.45 -25.22
C LEU C 142 22.47 -40.68 -26.07
N VAL C 143 22.74 -39.40 -26.32
CA VAL C 143 21.88 -38.55 -27.12
C VAL C 143 22.73 -38.05 -28.29
N ALA C 144 22.12 -38.05 -29.48
CA ALA C 144 22.80 -37.63 -30.71
C ALA C 144 23.11 -36.14 -30.76
N GLU C 145 22.27 -35.31 -30.10
CA GLU C 145 22.35 -33.87 -30.13
C GLU C 145 22.06 -33.21 -28.77
N HIS C 146 22.96 -32.35 -28.27
CA HIS C 146 22.71 -31.62 -26.98
C HIS C 146 21.64 -30.58 -27.23
N ARG C 147 20.69 -30.47 -26.29
CA ARG C 147 19.55 -29.57 -26.39
C ARG C 147 19.20 -29.07 -24.99
N PRO C 148 19.12 -27.73 -24.76
CA PRO C 148 18.68 -27.25 -23.42
C PRO C 148 17.22 -27.64 -23.10
N VAL C 149 16.84 -27.64 -21.81
CA VAL C 149 15.51 -28.00 -21.36
C VAL C 149 15.07 -26.97 -20.32
N LYS C 150 13.97 -26.26 -20.60
CA LYS C 150 13.36 -25.33 -19.67
C LYS C 150 12.59 -26.20 -18.67
N GLY C 151 13.30 -26.62 -17.62
CA GLY C 151 12.77 -27.54 -16.63
C GLY C 151 12.24 -26.95 -15.34
N GLU C 152 12.02 -27.84 -14.39
CA GLU C 152 11.59 -27.54 -13.04
C GLU C 152 12.72 -27.08 -12.16
N ARG C 153 12.38 -26.57 -10.98
CA ARG C 153 13.37 -26.23 -9.98
C ARG C 153 13.90 -27.52 -9.32
N MET C 154 15.20 -27.53 -9.01
CA MET C 154 15.86 -28.70 -8.36
C MET C 154 15.38 -28.98 -6.94
N GLU C 155 14.94 -27.93 -6.25
CA GLU C 155 14.40 -28.00 -4.88
C GLU C 155 13.31 -29.11 -4.77
N TRP C 156 12.50 -29.23 -5.82
CA TRP C 156 11.50 -30.32 -6.00
C TRP C 156 12.04 -31.69 -5.80
N LEU C 157 13.22 -31.93 -6.39
CA LEU C 157 13.92 -33.22 -6.28
C LEU C 157 14.53 -33.41 -4.90
N VAL C 158 15.21 -32.37 -4.40
CA VAL C 158 15.92 -32.43 -3.11
C VAL C 158 14.95 -32.58 -1.92
N ASN C 159 13.84 -31.84 -1.96
CA ASN C 159 12.80 -31.92 -0.89
C ASN C 159 12.13 -33.29 -0.78
N LYS C 160 12.08 -34.06 -1.88
CA LYS C 160 11.57 -35.45 -1.81
C LYS C 160 12.50 -36.43 -1.06
N ILE C 161 13.82 -36.15 -1.05
CA ILE C 161 14.82 -37.06 -0.47
C ILE C 161 14.94 -36.82 1.04
N ASN C 162 14.86 -37.89 1.81
CA ASN C 162 14.94 -37.84 3.26
C ASN C 162 16.36 -37.47 3.79
N GLY C 163 16.39 -36.75 4.91
CA GLY C 163 17.64 -36.29 5.56
C GLY C 163 17.52 -34.82 5.87
N HIS C 164 17.59 -34.45 7.15
CA HIS C 164 17.45 -33.05 7.57
C HIS C 164 18.74 -32.25 7.34
N HIS C 165 19.87 -32.80 7.78
CA HIS C 165 21.17 -32.14 7.66
C HIS C 165 21.74 -32.34 6.25
N VAL C 166 21.72 -31.24 5.45
CA VAL C 166 22.17 -31.26 4.04
C VAL C 166 23.51 -30.52 3.81
N LEU C 167 24.37 -31.11 2.97
CA LEU C 167 25.61 -30.49 2.50
C LEU C 167 25.37 -30.24 1.03
N LEU C 168 25.40 -28.96 0.63
CA LEU C 168 25.25 -28.58 -0.76
C LEU C 168 26.62 -28.19 -1.26
N VAL C 169 27.10 -28.88 -2.30
CA VAL C 169 28.33 -28.55 -2.99
C VAL C 169 27.81 -27.95 -4.29
N SER C 170 27.96 -26.64 -4.47
CA SER C 170 27.40 -25.96 -5.64
C SER C 170 27.95 -24.55 -5.88
N GLY C 171 27.87 -24.11 -7.12
CA GLY C 171 28.23 -22.74 -7.52
C GLY C 171 27.18 -21.73 -7.08
N TYR C 172 25.93 -22.21 -6.86
CA TYR C 172 24.79 -21.39 -6.44
C TYR C 172 23.98 -22.10 -5.35
N ASN C 173 23.23 -21.32 -4.58
CA ASN C 173 22.42 -21.84 -3.45
C ASN C 173 21.01 -22.23 -3.86
N LEU C 174 20.40 -23.13 -3.07
CA LEU C 174 19.01 -23.57 -3.24
C LEU C 174 18.17 -23.13 -2.05
N ALA C 175 16.86 -23.01 -2.26
CA ALA C 175 15.93 -22.66 -1.21
C ALA C 175 15.35 -23.95 -0.61
N LEU C 176 15.86 -24.35 0.55
CA LEU C 176 15.42 -25.57 1.24
C LEU C 176 15.00 -25.22 2.69
N PRO C 177 13.75 -24.72 2.88
CA PRO C 177 13.28 -24.31 4.23
C PRO C 177 13.18 -25.47 5.24
N THR C 178 12.74 -26.63 4.76
CA THR C 178 12.62 -27.84 5.59
C THR C 178 13.96 -28.49 5.97
N LYS C 179 15.05 -28.11 5.27
CA LYS C 179 16.40 -28.65 5.49
C LYS C 179 17.34 -27.69 6.23
N ARG C 180 18.33 -28.25 6.95
CA ARG C 180 19.39 -27.48 7.61
C ARG C 180 20.60 -27.58 6.69
N VAL C 181 20.75 -26.57 5.82
CA VAL C 181 21.78 -26.56 4.76
C VAL C 181 23.12 -25.92 5.17
N THR C 182 24.22 -26.60 4.82
CA THR C 182 25.58 -26.10 4.92
C THR C 182 26.04 -26.00 3.45
N TRP C 183 26.12 -24.79 2.92
CA TRP C 183 26.50 -24.57 1.50
C TRP C 183 28.01 -24.34 1.29
N VAL C 184 28.63 -25.28 0.59
CA VAL C 184 30.04 -25.25 0.16
C VAL C 184 30.06 -24.81 -1.31
N ALA C 185 31.01 -23.94 -1.69
CA ALA C 185 31.08 -23.36 -3.05
C ALA C 185 32.50 -23.14 -3.56
N PRO C 186 32.69 -22.97 -4.90
CA PRO C 186 34.04 -22.71 -5.40
C PRO C 186 34.51 -21.33 -4.96
N LEU C 187 35.82 -21.12 -5.00
CA LEU C 187 36.44 -19.88 -4.51
C LEU C 187 35.89 -18.65 -5.23
N GLY C 188 35.84 -17.53 -4.51
CA GLY C 188 35.28 -16.28 -5.03
C GLY C 188 33.77 -16.13 -4.97
N VAL C 189 33.04 -17.19 -4.58
CA VAL C 189 31.59 -17.14 -4.42
C VAL C 189 31.29 -16.60 -3.02
N ARG C 190 30.37 -15.63 -2.95
CA ARG C 190 29.93 -14.98 -1.72
C ARG C 190 28.56 -15.55 -1.37
N GLY C 191 28.21 -15.45 -0.11
CA GLY C 191 26.93 -15.98 0.42
C GLY C 191 26.98 -17.42 0.90
N ALA C 192 28.15 -18.09 0.75
CA ALA C 192 28.30 -19.49 1.15
C ALA C 192 28.87 -19.63 2.54
N ASP C 193 28.60 -20.78 3.13
CA ASP C 193 29.10 -21.13 4.46
C ASP C 193 30.60 -21.39 4.37
N TYR C 194 31.03 -22.10 3.33
CA TYR C 194 32.47 -22.36 3.10
C TYR C 194 32.79 -22.26 1.62
N THR C 195 34.06 -21.94 1.34
CA THR C 195 34.59 -21.90 -0.04
C THR C 195 35.87 -22.72 -0.08
N TYR C 196 35.99 -23.56 -1.11
CA TYR C 196 37.16 -24.43 -1.35
C TYR C 196 37.44 -24.59 -2.82
N ASN C 197 38.70 -24.85 -3.15
CA ASN C 197 39.08 -25.15 -4.51
C ASN C 197 38.60 -26.57 -4.74
N LEU C 198 37.43 -26.70 -5.38
CA LEU C 198 36.78 -28.02 -5.58
C LEU C 198 37.56 -28.98 -6.52
N GLU C 199 38.53 -28.46 -7.31
CA GLU C 199 39.44 -29.34 -8.11
C GLU C 199 40.47 -30.07 -7.20
N LEU C 200 40.47 -29.81 -5.87
CA LEU C 200 41.26 -30.54 -4.88
C LEU C 200 40.37 -31.42 -3.96
N GLY C 201 39.08 -31.58 -4.29
CA GLY C 201 38.12 -32.39 -3.51
C GLY C 201 37.35 -31.64 -2.43
N LEU C 202 36.81 -32.41 -1.47
CA LEU C 202 36.03 -31.91 -0.33
C LEU C 202 36.73 -32.37 0.93
N PRO C 203 37.08 -31.42 1.85
CA PRO C 203 37.81 -31.83 3.05
C PRO C 203 36.91 -32.50 4.09
N ALA C 204 37.42 -33.59 4.70
CA ALA C 204 36.72 -34.36 5.76
C ALA C 204 36.26 -33.49 6.95
N THR C 205 37.00 -32.39 7.22
CA THR C 205 36.66 -31.38 8.27
C THR C 205 35.21 -30.85 8.22
N LEU C 206 34.59 -30.84 7.02
CA LEU C 206 33.15 -30.48 6.83
C LEU C 206 32.13 -31.28 7.67
N GLY C 207 32.49 -32.49 8.10
CA GLY C 207 31.61 -33.32 8.95
C GLY C 207 30.68 -34.19 8.15
N ARG C 208 29.89 -34.99 8.87
CA ARG C 208 28.96 -35.95 8.28
C ARG C 208 27.53 -35.43 8.26
N TYR C 209 26.82 -35.75 7.17
CA TYR C 209 25.48 -35.27 6.89
C TYR C 209 24.51 -36.37 6.49
N ASP C 210 23.21 -36.07 6.58
CA ASP C 210 22.13 -37.00 6.18
C ASP C 210 22.00 -37.07 4.65
N LEU C 211 22.10 -35.90 4.00
CA LEU C 211 22.05 -35.78 2.53
C LEU C 211 23.22 -34.93 2.03
N VAL C 212 24.00 -35.46 1.10
CA VAL C 212 25.09 -34.74 0.43
C VAL C 212 24.60 -34.51 -1.00
N VAL C 213 24.65 -33.26 -1.46
CA VAL C 213 24.15 -32.86 -2.80
C VAL C 213 25.31 -32.28 -3.65
N ILE C 214 25.85 -33.08 -4.57
CA ILE C 214 26.94 -32.64 -5.46
C ILE C 214 26.24 -32.06 -6.69
N ASN C 215 26.30 -30.73 -6.79
CA ASN C 215 25.60 -29.99 -7.82
C ASN C 215 26.53 -29.10 -8.62
N ILE C 216 27.57 -29.71 -9.17
CA ILE C 216 28.52 -29.01 -10.03
C ILE C 216 28.21 -29.43 -11.46
N HIS C 217 28.16 -28.43 -12.36
CA HIS C 217 27.90 -28.59 -13.78
C HIS C 217 29.22 -28.77 -14.52
N THR C 218 29.10 -29.25 -15.76
CA THR C 218 30.22 -29.46 -16.67
C THR C 218 29.74 -29.03 -18.04
N PRO C 219 30.32 -27.94 -18.63
CA PRO C 219 29.88 -27.48 -19.95
C PRO C 219 29.89 -28.57 -21.01
N PHE C 220 28.90 -28.53 -21.90
CA PHE C 220 28.83 -29.46 -23.01
C PHE C 220 29.84 -29.06 -24.08
N ARG C 221 30.45 -30.06 -24.68
CA ARG C 221 31.29 -29.86 -25.86
C ARG C 221 31.28 -31.16 -26.68
N ILE C 222 31.25 -31.03 -28.01
CA ILE C 222 31.35 -32.16 -28.95
C ILE C 222 30.20 -33.19 -28.93
N HIS C 223 30.06 -33.93 -27.82
CA HIS C 223 29.09 -35.03 -27.73
C HIS C 223 28.75 -35.40 -26.27
N HIS C 224 27.65 -36.15 -26.05
CA HIS C 224 27.24 -36.67 -24.71
C HIS C 224 28.41 -37.40 -24.06
N TYR C 225 28.95 -38.42 -24.74
CA TYR C 225 30.15 -39.17 -24.30
C TYR C 225 31.28 -38.28 -23.78
N GLN C 226 31.58 -37.20 -24.53
CA GLN C 226 32.63 -36.24 -24.13
C GLN C 226 32.25 -35.46 -22.85
N GLN C 227 30.95 -35.16 -22.67
CA GLN C 227 30.48 -34.48 -21.46
C GLN C 227 30.63 -35.38 -20.22
N CYS C 228 30.49 -36.71 -20.39
CA CYS C 228 30.78 -37.67 -19.30
C CYS C 228 32.29 -37.69 -19.01
N VAL C 229 33.10 -37.66 -20.09
CA VAL C 229 34.57 -37.64 -19.97
C VAL C 229 35.02 -36.39 -19.22
N ASP C 230 34.50 -35.24 -19.62
CA ASP C 230 34.84 -33.95 -18.97
C ASP C 230 34.35 -33.90 -17.51
N HIS C 231 33.20 -34.50 -17.22
CA HIS C 231 32.62 -34.56 -15.85
C HIS C 231 33.27 -35.64 -14.95
N ALA C 232 33.85 -36.68 -15.56
CA ALA C 232 34.52 -37.85 -14.87
C ALA C 232 35.37 -37.51 -13.64
N MET C 233 36.26 -36.52 -13.77
CA MET C 233 37.13 -36.16 -12.64
C MET C 233 36.34 -35.54 -11.46
N LYS C 234 35.21 -34.86 -11.73
CA LYS C 234 34.37 -34.29 -10.64
C LYS C 234 33.71 -35.42 -9.87
N LEU C 235 33.18 -36.43 -10.59
CA LEU C 235 32.63 -37.65 -9.96
C LEU C 235 33.64 -38.32 -9.05
N GLN C 236 34.86 -38.51 -9.59
CA GLN C 236 35.98 -39.15 -8.85
C GLN C 236 36.30 -38.43 -7.55
N MET C 237 36.46 -37.12 -7.68
CA MET C 237 36.89 -36.25 -6.59
C MET C 237 35.79 -35.96 -5.61
N LEU C 238 34.73 -35.30 -6.07
CA LEU C 238 33.61 -34.86 -5.21
C LEU C 238 32.75 -36.04 -4.75
N GLY C 239 32.43 -36.97 -5.65
CA GLY C 239 31.65 -38.18 -5.29
C GLY C 239 32.38 -39.08 -4.29
N GLY C 240 33.68 -39.31 -4.53
CA GLY C 240 34.52 -40.13 -3.66
C GLY C 240 34.74 -39.51 -2.31
N ASP C 241 35.11 -38.21 -2.29
CA ASP C 241 35.34 -37.46 -1.04
C ASP C 241 34.06 -37.27 -0.20
N SER C 242 32.88 -37.36 -0.84
CA SER C 242 31.60 -37.31 -0.11
C SER C 242 31.39 -38.53 0.81
N LEU C 243 32.05 -39.67 0.52
CA LEU C 243 31.93 -40.90 1.35
C LEU C 243 32.31 -40.70 2.85
N ARG C 244 33.28 -39.80 3.14
CA ARG C 244 33.66 -39.42 4.54
C ARG C 244 32.80 -38.26 5.13
N LEU C 245 31.78 -37.82 4.38
CA LEU C 245 30.86 -36.75 4.77
C LEU C 245 29.41 -37.27 4.85
N LEU C 246 29.24 -38.56 5.16
CA LEU C 246 27.92 -39.20 5.27
C LEU C 246 27.73 -39.93 6.60
N LYS C 247 26.64 -39.57 7.31
CA LYS C 247 26.29 -40.27 8.54
C LYS C 247 25.69 -41.62 8.16
N PRO C 248 25.67 -42.60 9.12
CA PRO C 248 25.07 -43.90 8.83
C PRO C 248 23.63 -43.75 8.37
N GLY C 249 23.29 -44.40 7.27
CA GLY C 249 21.96 -44.31 6.66
C GLY C 249 21.73 -43.07 5.80
N GLY C 250 22.79 -42.28 5.54
CA GLY C 250 22.68 -41.06 4.72
C GLY C 250 22.63 -41.35 3.23
N SER C 251 22.40 -40.31 2.44
CA SER C 251 22.29 -40.40 0.97
C SER C 251 23.17 -39.40 0.24
N LEU C 252 23.54 -39.74 -1.00
CA LEU C 252 24.40 -38.93 -1.87
C LEU C 252 23.70 -38.73 -3.21
N LEU C 253 23.31 -37.47 -3.48
CA LEU C 253 22.69 -37.05 -4.72
C LEU C 253 23.78 -36.34 -5.53
N ILE C 254 23.98 -36.75 -6.78
CA ILE C 254 25.02 -36.17 -7.64
C ILE C 254 24.47 -35.80 -9.03
N ARG C 255 24.53 -34.49 -9.38
CA ARG C 255 24.20 -34.03 -10.73
C ARG C 255 25.32 -34.54 -11.61
N ALA C 256 24.96 -35.19 -12.70
CA ALA C 256 25.95 -35.76 -13.63
C ALA C 256 25.33 -35.95 -15.02
N TYR C 257 26.02 -36.66 -15.92
CA TYR C 257 25.58 -36.85 -17.31
C TYR C 257 25.58 -38.34 -17.74
N GLY C 258 25.61 -39.25 -16.76
CA GLY C 258 25.74 -40.69 -16.99
C GLY C 258 27.14 -41.14 -16.60
N TYR C 259 27.48 -42.36 -17.02
CA TYR C 259 28.80 -42.98 -16.84
C TYR C 259 29.24 -43.71 -18.14
N ALA C 260 29.15 -42.99 -19.26
CA ALA C 260 29.44 -43.53 -20.60
C ALA C 260 30.86 -44.01 -20.80
N ASP C 261 31.80 -43.23 -20.25
CA ASP C 261 33.23 -43.53 -20.34
C ASP C 261 33.70 -44.46 -19.22
N ARG C 262 34.83 -45.13 -19.49
CA ARG C 262 35.50 -46.08 -18.55
C ARG C 262 35.70 -45.56 -17.13
N THR C 263 36.17 -44.32 -17.01
CA THR C 263 36.49 -43.69 -15.70
C THR C 263 35.25 -43.44 -14.86
N SER C 264 34.20 -42.86 -15.48
CA SER C 264 32.95 -42.58 -14.78
C SER C 264 32.30 -43.87 -14.29
N GLU C 265 32.24 -44.90 -15.14
CA GLU C 265 31.67 -46.21 -14.73
C GLU C 265 32.41 -46.86 -13.54
N ARG C 266 33.74 -46.66 -13.44
CA ARG C 266 34.52 -47.18 -12.28
C ARG C 266 34.13 -46.52 -11.00
N VAL C 267 34.03 -45.19 -11.04
CA VAL C 267 33.63 -44.38 -9.86
C VAL C 267 32.29 -44.86 -9.34
N ILE C 268 31.32 -44.98 -10.24
CA ILE C 268 29.95 -45.41 -9.88
C ILE C 268 29.94 -46.82 -9.25
N CYS C 269 30.80 -47.73 -9.74
CA CYS C 269 30.93 -49.08 -9.14
C CYS C 269 31.52 -49.00 -7.72
N VAL C 270 32.50 -48.12 -7.51
CA VAL C 270 33.09 -47.92 -6.16
C VAL C 270 32.05 -47.37 -5.19
N LEU C 271 31.29 -46.34 -5.63
CA LEU C 271 30.25 -45.71 -4.80
C LEU C 271 29.09 -46.65 -4.50
N GLY C 272 28.55 -47.31 -5.54
CA GLY C 272 27.43 -48.26 -5.42
C GLY C 272 27.55 -49.39 -4.37
N ARG C 273 28.78 -49.79 -4.07
CA ARG C 273 29.06 -50.82 -3.04
C ARG C 273 28.78 -50.39 -1.59
N LYS C 274 28.70 -49.08 -1.32
CA LYS C 274 28.53 -48.54 0.05
C LYS C 274 27.12 -48.15 0.49
N PHE C 275 26.15 -48.24 -0.42
CA PHE C 275 24.76 -47.85 -0.19
C PHE C 275 23.83 -49.03 -0.39
N ARG C 276 22.72 -49.07 0.37
CA ARG C 276 21.72 -50.17 0.30
C ARG C 276 21.15 -50.28 -1.10
N SER C 277 20.81 -49.14 -1.69
CA SER C 277 20.33 -49.07 -3.08
C SER C 277 20.95 -47.86 -3.77
N SER C 278 21.08 -47.95 -5.10
CA SER C 278 21.64 -46.89 -5.95
C SER C 278 20.73 -46.73 -7.16
N ARG C 279 20.34 -45.47 -7.46
CA ARG C 279 19.41 -45.15 -8.56
C ARG C 279 19.93 -44.04 -9.46
N ALA C 280 19.63 -44.16 -10.76
CA ALA C 280 19.95 -43.16 -11.78
C ALA C 280 18.63 -42.52 -12.23
N LEU C 281 18.48 -41.22 -11.92
CA LEU C 281 17.26 -40.45 -12.20
C LEU C 281 17.41 -39.51 -13.37
N LYS C 282 16.28 -39.18 -14.01
CA LYS C 282 16.20 -38.13 -15.04
C LYS C 282 14.88 -37.40 -14.76
N PRO C 283 14.87 -36.58 -13.69
CA PRO C 283 13.65 -35.90 -13.29
C PRO C 283 13.38 -34.64 -14.12
N PRO C 284 12.18 -34.04 -13.96
CA PRO C 284 11.82 -32.75 -14.59
C PRO C 284 12.75 -31.55 -14.29
N CYS C 285 13.55 -31.60 -13.20
CA CYS C 285 14.43 -30.47 -12.82
C CYS C 285 15.84 -30.42 -13.52
N VAL C 286 15.98 -31.10 -14.67
CA VAL C 286 17.23 -31.04 -15.47
C VAL C 286 17.27 -29.75 -16.31
N THR C 287 18.49 -29.28 -16.62
CA THR C 287 18.73 -28.10 -17.48
C THR C 287 19.09 -28.47 -18.95
N SER C 288 19.23 -29.78 -19.25
CA SER C 288 19.58 -30.20 -20.61
C SER C 288 19.22 -31.67 -20.91
N ASN C 289 19.28 -31.96 -22.20
CA ASN C 289 19.06 -33.26 -22.80
C ASN C 289 19.93 -34.38 -22.21
N THR C 290 21.20 -34.02 -21.94
CA THR C 290 22.25 -34.91 -21.42
C THR C 290 22.33 -35.11 -19.89
N GLU C 291 21.59 -34.31 -19.10
CA GLU C 291 21.68 -34.39 -17.61
C GLU C 291 20.93 -35.52 -16.97
N MET C 292 21.38 -35.86 -15.78
CA MET C 292 20.80 -36.89 -14.95
C MET C 292 21.32 -36.73 -13.52
N PHE C 293 20.68 -37.38 -12.56
CA PHE C 293 21.12 -37.37 -11.16
C PHE C 293 21.31 -38.79 -10.67
N PHE C 294 22.42 -39.04 -9.96
CA PHE C 294 22.67 -40.31 -9.28
C PHE C 294 22.15 -40.13 -7.88
N LEU C 295 21.26 -41.00 -7.42
CA LEU C 295 20.79 -40.99 -6.03
C LEU C 295 21.26 -42.28 -5.36
N PHE C 296 22.30 -42.17 -4.53
CA PHE C 296 22.81 -43.26 -3.74
C PHE C 296 22.12 -43.15 -2.40
N SER C 297 21.36 -44.17 -2.00
CA SER C 297 20.54 -44.13 -0.76
C SER C 297 20.93 -45.13 0.33
N ASN C 298 20.88 -44.67 1.58
CA ASN C 298 21.11 -45.49 2.77
C ASN C 298 22.57 -46.03 2.84
N PHE C 299 23.47 -45.13 3.21
CA PHE C 299 24.92 -45.38 3.33
C PHE C 299 25.27 -46.23 4.53
N ASP C 300 26.01 -47.32 4.32
CA ASP C 300 26.56 -48.17 5.43
C ASP C 300 28.11 -48.33 5.39
N ASN C 301 28.79 -47.66 4.45
CA ASN C 301 30.24 -47.78 4.23
C ASN C 301 30.69 -49.24 4.00
N GLY C 302 29.80 -50.04 3.42
CA GLY C 302 30.03 -51.45 3.21
C GLY C 302 30.72 -51.73 1.90
N ARG C 303 30.68 -53.00 1.53
CA ARG C 303 31.24 -53.48 0.29
C ARG C 303 30.38 -54.65 -0.13
N ARG C 304 29.32 -54.34 -0.88
CA ARG C 304 28.36 -55.35 -1.38
C ARG C 304 28.61 -55.55 -2.85
N ASN C 305 28.00 -56.60 -3.41
CA ASN C 305 28.06 -56.85 -4.84
C ASN C 305 27.26 -55.75 -5.52
N PHE C 306 27.87 -55.10 -6.51
CA PHE C 306 27.18 -54.05 -7.26
C PHE C 306 27.61 -54.06 -8.72
N THR C 307 26.61 -54.12 -9.61
CA THR C 307 26.79 -54.01 -11.06
C THR C 307 25.95 -52.85 -11.53
N THR C 308 26.35 -52.28 -12.67
CA THR C 308 25.61 -51.18 -13.28
C THR C 308 24.33 -51.63 -14.06
N HIS C 309 24.08 -52.95 -14.17
CA HIS C 309 22.91 -53.56 -14.89
C HIS C 309 21.55 -52.82 -14.64
N VAL C 310 21.28 -52.47 -13.37
CA VAL C 310 19.98 -51.77 -13.02
C VAL C 310 19.97 -50.32 -13.54
N MET C 311 21.03 -49.56 -13.26
CA MET C 311 21.14 -48.17 -13.76
C MET C 311 21.23 -48.08 -15.30
N ASN C 312 21.82 -49.10 -15.93
CA ASN C 312 21.92 -49.18 -17.40
C ASN C 312 20.54 -49.11 -18.02
N ASN C 313 19.63 -49.98 -17.54
CA ASN C 313 18.22 -50.03 -17.99
C ASN C 313 17.45 -48.75 -17.66
N GLN C 314 17.74 -48.15 -16.49
CA GLN C 314 17.13 -46.87 -16.09
C GLN C 314 17.55 -45.77 -17.06
N LEU C 315 18.85 -45.66 -17.30
CA LEU C 315 19.39 -44.64 -18.24
C LEU C 315 19.03 -44.90 -19.70
N ASN C 316 18.81 -46.17 -20.08
CA ASN C 316 18.30 -46.48 -21.43
C ASN C 316 16.91 -45.84 -21.66
N ALA C 317 16.04 -45.92 -20.66
CA ALA C 317 14.73 -45.27 -20.70
C ALA C 317 14.86 -43.72 -20.63
N ALA C 318 15.78 -43.22 -19.80
CA ALA C 318 16.03 -41.77 -19.62
C ALA C 318 16.57 -41.08 -20.87
N PHE C 319 17.62 -41.65 -21.46
CA PHE C 319 18.24 -41.09 -22.67
C PHE C 319 17.70 -41.75 -23.97
N VAL C 320 16.77 -41.00 -24.61
CA VAL C 320 16.07 -41.30 -25.90
C VAL C 320 16.60 -40.28 -27.00
N GLY C 321 16.65 -38.96 -26.69
CA GLY C 321 17.06 -37.90 -27.65
C GLY C 321 18.46 -38.08 -28.28
N PHE D 1 -50.31 29.00 27.57
CA PHE D 1 -48.95 28.83 26.87
C PHE D 1 -47.99 27.86 27.59
N GLN D 2 -48.54 26.74 28.09
CA GLN D 2 -47.76 25.75 28.88
C GLN D 2 -46.70 25.01 28.04
N ASN D 3 -45.52 24.81 28.64
CA ASN D 3 -44.33 24.16 28.00
C ASN D 3 -43.88 24.76 26.66
N LYS D 4 -43.88 26.10 26.60
CA LYS D 4 -43.42 26.87 25.44
C LYS D 4 -42.41 27.89 25.96
N ALA D 5 -41.17 27.84 25.46
CA ALA D 5 -40.08 28.75 25.90
C ALA D 5 -39.83 29.99 25.00
N ASN D 6 -40.18 29.90 23.71
CA ASN D 6 -39.90 30.97 22.71
C ASN D 6 -41.15 31.68 22.11
N VAL D 7 -42.26 31.68 22.86
CA VAL D 7 -43.57 32.25 22.36
C VAL D 7 -43.95 33.61 22.98
N CYS D 8 -42.94 34.40 23.41
CA CYS D 8 -43.16 35.77 23.95
C CYS D 8 -44.01 36.64 22.98
N TRP D 9 -43.74 36.47 21.67
CA TRP D 9 -44.51 37.07 20.57
C TRP D 9 -46.03 36.72 20.60
N ALA D 10 -46.36 35.48 20.98
CA ALA D 10 -47.75 35.02 21.12
C ALA D 10 -48.40 35.64 22.36
N LYS D 11 -47.65 35.67 23.48
CA LYS D 11 -48.11 36.34 24.70
C LYS D 11 -48.39 37.83 24.44
N SER D 12 -47.55 38.47 23.59
CA SER D 12 -47.73 39.90 23.23
C SER D 12 -49.03 40.22 22.50
N LEU D 13 -49.61 39.22 21.83
CA LEU D 13 -50.88 39.39 21.11
C LEU D 13 -52.13 39.14 21.92
N VAL D 14 -52.09 38.35 23.02
CA VAL D 14 -53.37 38.10 23.81
C VAL D 14 -54.14 39.43 24.14
N PRO D 15 -53.44 40.51 24.63
CA PRO D 15 -54.15 41.80 24.84
C PRO D 15 -54.76 42.43 23.56
N ILE D 16 -54.09 42.28 22.42
CA ILE D 16 -54.58 42.78 21.11
C ILE D 16 -55.79 41.94 20.65
N LEU D 17 -55.71 40.62 20.81
CA LEU D 17 -56.81 39.71 20.45
C LEU D 17 -58.03 39.95 21.35
N GLU D 18 -57.77 40.20 22.64
CA GLU D 18 -58.82 40.57 23.63
C GLU D 18 -59.65 41.80 23.22
N THR D 19 -59.03 42.80 22.58
CA THR D 19 -59.80 43.99 22.11
C THR D 19 -60.83 43.62 21.03
N ALA D 20 -60.54 42.58 20.23
CA ALA D 20 -61.44 42.03 19.20
C ALA D 20 -62.34 40.87 19.70
N GLY D 21 -62.37 40.62 21.02
CA GLY D 21 -63.12 39.50 21.58
C GLY D 21 -62.61 38.11 21.20
N ILE D 22 -61.33 38.00 20.81
CA ILE D 22 -60.72 36.72 20.42
C ILE D 22 -59.87 36.22 21.57
N LYS D 23 -60.00 34.92 21.84
CA LYS D 23 -59.25 34.20 22.86
C LYS D 23 -58.96 32.85 22.21
N LEU D 24 -57.69 32.57 21.96
CA LEU D 24 -57.25 31.35 21.33
C LEU D 24 -56.61 30.40 22.33
N ASN D 25 -57.06 29.15 22.35
CA ASN D 25 -56.45 28.11 23.20
C ASN D 25 -55.15 27.60 22.55
N ASP D 26 -54.33 26.87 23.31
CA ASP D 26 -53.03 26.36 22.79
C ASP D 26 -53.16 25.50 21.50
N ARG D 27 -54.27 24.77 21.35
CA ARG D 27 -54.52 23.96 20.13
C ARG D 27 -54.78 24.86 18.91
N GLN D 28 -55.62 25.89 19.07
CA GLN D 28 -55.93 26.89 17.99
C GLN D 28 -54.68 27.67 17.56
N TRP D 29 -53.87 28.10 18.55
CA TRP D 29 -52.56 28.76 18.26
C TRP D 29 -51.67 27.87 17.41
N SER D 30 -51.55 26.59 17.81
CA SER D 30 -50.74 25.58 17.11
C SER D 30 -51.19 25.31 15.68
N GLN D 31 -52.50 25.19 15.48
CA GLN D 31 -53.09 24.94 14.15
C GLN D 31 -52.97 26.11 13.16
N ILE D 32 -53.11 27.36 13.66
CA ILE D 32 -53.02 28.56 12.81
C ILE D 32 -51.59 28.87 12.41
N ILE D 33 -50.69 28.94 13.39
CA ILE D 33 -49.29 29.34 13.22
C ILE D 33 -48.37 28.16 13.49
N GLN D 34 -47.62 27.72 12.45
CA GLN D 34 -46.67 26.58 12.58
C GLN D 34 -45.57 26.89 13.60
N ALA D 35 -45.05 28.12 13.57
CA ALA D 35 -43.99 28.54 14.51
C ALA D 35 -44.38 28.41 16.00
N PHE D 36 -45.69 28.46 16.31
CA PHE D 36 -46.19 28.24 17.65
C PHE D 36 -46.10 26.76 18.00
N LYS D 37 -46.62 25.90 17.11
CA LYS D 37 -46.57 24.44 17.29
C LYS D 37 -45.15 24.00 17.58
N GLU D 38 -44.23 24.42 16.71
CA GLU D 38 -42.79 24.06 16.83
C GLU D 38 -42.00 24.87 17.89
N ASP D 39 -42.63 25.89 18.51
CA ASP D 39 -42.04 26.71 19.58
C ASP D 39 -40.77 27.38 19.07
N LYS D 40 -40.99 28.38 18.21
CA LYS D 40 -39.93 29.13 17.57
C LYS D 40 -40.19 30.61 17.68
N ALA D 41 -39.11 31.39 17.54
CA ALA D 41 -39.19 32.84 17.59
C ALA D 41 -39.97 33.34 16.38
N TYR D 42 -40.62 34.50 16.52
CA TYR D 42 -41.51 35.02 15.49
C TYR D 42 -41.81 36.52 15.75
N SER D 43 -42.66 37.12 14.91
CA SER D 43 -43.10 38.50 15.04
C SER D 43 -44.60 38.50 15.41
N PRO D 44 -45.03 39.37 16.34
CA PRO D 44 -46.47 39.48 16.59
C PRO D 44 -47.27 39.97 15.37
N GLU D 45 -46.75 40.98 14.64
CA GLU D 45 -47.45 41.51 13.45
C GLU D 45 -47.71 40.42 12.40
N VAL D 46 -46.68 39.60 12.13
CA VAL D 46 -46.80 38.51 11.13
C VAL D 46 -47.86 37.51 11.61
N ALA D 47 -47.69 37.03 12.84
CA ALA D 47 -48.68 36.13 13.51
C ALA D 47 -50.11 36.68 13.48
N LEU D 48 -50.24 37.97 13.81
CA LEU D 48 -51.55 38.65 13.82
C LEU D 48 -52.21 38.67 12.45
N ASN D 49 -51.41 38.77 11.38
CA ASN D 49 -51.94 38.67 10.01
C ASN D 49 -52.54 37.28 9.76
N GLU D 50 -51.84 36.24 10.21
CA GLU D 50 -52.29 34.86 10.09
C GLU D 50 -53.56 34.61 10.92
N ILE D 51 -53.58 35.09 12.17
CA ILE D 51 -54.75 34.94 13.06
C ILE D 51 -55.97 35.67 12.46
N CYS D 52 -55.77 36.95 12.10
CA CYS D 52 -56.82 37.78 11.46
C CYS D 52 -57.36 37.15 10.17
N THR D 53 -56.46 36.59 9.35
CA THR D 53 -56.86 35.90 8.11
C THR D 53 -57.77 34.71 8.42
N ARG D 54 -57.35 33.86 9.35
CA ARG D 54 -58.13 32.67 9.77
C ARG D 54 -59.45 33.00 10.50
N MET D 55 -59.41 33.89 11.49
CA MET D 55 -60.63 34.21 12.31
C MET D 55 -61.67 35.09 11.60
N TYR D 56 -61.23 36.06 10.81
CA TYR D 56 -62.17 36.96 10.07
C TYR D 56 -62.27 36.75 8.53
N GLY D 57 -61.45 35.86 7.95
CA GLY D 57 -61.45 35.59 6.48
C GLY D 57 -60.90 36.72 5.61
N VAL D 58 -60.14 37.62 6.24
CA VAL D 58 -59.56 38.81 5.61
C VAL D 58 -58.26 39.16 6.32
N ASP D 59 -57.24 39.59 5.57
CA ASP D 59 -55.90 39.89 6.15
C ASP D 59 -55.89 41.29 6.87
N LEU D 60 -54.72 41.76 7.29
CA LEU D 60 -54.62 43.07 8.00
C LEU D 60 -54.94 44.32 7.18
N ASP D 61 -54.93 44.23 5.83
CA ASP D 61 -55.30 45.39 4.96
C ASP D 61 -56.78 45.78 5.07
N SER D 62 -57.61 44.87 5.60
CA SER D 62 -59.00 45.18 5.97
C SER D 62 -59.05 46.31 7.03
N GLY D 63 -58.01 46.38 7.87
CA GLY D 63 -57.88 47.40 8.89
C GLY D 63 -58.54 47.03 10.20
N LEU D 64 -58.99 45.77 10.34
CA LEU D 64 -59.67 45.29 11.57
C LEU D 64 -58.85 45.47 12.85
N PHE D 65 -57.53 45.32 12.76
CA PHE D 65 -56.62 45.50 13.91
C PHE D 65 -55.79 46.82 13.85
N SER D 66 -56.26 47.82 13.09
CA SER D 66 -55.50 49.09 12.88
C SER D 66 -55.73 50.23 13.90
N LYS D 67 -56.64 50.06 14.87
CA LYS D 67 -56.88 51.09 15.89
C LYS D 67 -55.76 50.96 16.90
N PRO D 68 -54.96 52.04 17.13
CA PRO D 68 -53.82 51.91 18.03
C PRO D 68 -54.26 51.88 19.49
N LEU D 69 -54.51 50.66 19.98
CA LEU D 69 -54.90 50.40 21.36
C LEU D 69 -53.78 49.83 22.21
N VAL D 70 -53.09 48.82 21.68
CA VAL D 70 -52.06 48.06 22.40
C VAL D 70 -50.75 47.99 21.63
N SER D 71 -49.66 48.38 22.28
CA SER D 71 -48.30 48.36 21.70
C SER D 71 -47.61 46.99 21.83
N VAL D 72 -46.75 46.69 20.85
CA VAL D 72 -45.85 45.49 20.86
C VAL D 72 -44.44 46.04 20.59
N TYR D 73 -43.54 45.81 21.56
CA TYR D 73 -42.19 46.39 21.56
C TYR D 73 -41.13 45.30 21.54
N TYR D 74 -40.15 45.44 20.63
CA TYR D 74 -39.06 44.46 20.46
C TYR D 74 -37.76 44.97 21.08
N ALA D 75 -37.16 44.18 21.98
CA ALA D 75 -35.92 44.57 22.69
C ALA D 75 -35.00 43.37 23.03
N ASP D 76 -33.99 43.16 22.17
CA ASP D 76 -32.95 42.11 22.34
C ASP D 76 -33.51 40.68 22.35
N ASN D 77 -34.09 40.29 21.22
CA ASN D 77 -34.70 38.94 20.99
C ASN D 77 -35.79 38.59 22.04
N HIS D 78 -36.67 39.56 22.31
CA HIS D 78 -37.74 39.42 23.31
C HIS D 78 -38.83 40.47 23.07
N TRP D 79 -40.08 40.02 22.96
CA TRP D 79 -41.25 40.89 22.74
C TRP D 79 -42.09 41.03 24.00
N ASP D 80 -42.52 42.26 24.29
CA ASP D 80 -43.46 42.56 25.41
C ASP D 80 -44.38 43.71 24.97
N ASN D 81 -45.21 44.25 25.89
CA ASN D 81 -46.17 45.32 25.56
C ASN D 81 -45.82 46.70 26.16
N ARG D 82 -44.57 47.12 26.00
CA ARG D 82 -44.16 48.45 26.45
C ARG D 82 -44.74 49.47 25.51
N PRO D 83 -45.07 50.69 26.00
CA PRO D 83 -45.49 51.71 25.03
C PRO D 83 -44.30 52.16 24.17
N GLY D 84 -44.61 52.77 23.02
CA GLY D 84 -43.59 53.24 22.07
C GLY D 84 -43.28 52.30 20.90
N GLY D 85 -43.97 51.14 20.84
CA GLY D 85 -43.83 50.19 19.72
C GLY D 85 -45.00 50.35 18.77
N LYS D 86 -45.09 49.48 17.76
CA LYS D 86 -46.20 49.51 16.80
C LYS D 86 -47.46 49.10 17.56
N MET D 87 -48.56 49.83 17.33
CA MET D 87 -49.81 49.61 18.07
C MET D 87 -50.89 49.00 17.20
N PHE D 88 -51.61 48.03 17.78
CA PHE D 88 -52.74 47.32 17.15
C PHE D 88 -53.95 47.33 18.09
N GLY D 89 -55.08 46.89 17.57
CA GLY D 89 -56.35 46.81 18.35
C GLY D 89 -57.56 46.82 17.45
N PHE D 90 -58.65 46.17 17.87
CA PHE D 90 -59.87 46.08 17.04
C PHE D 90 -60.39 47.47 16.66
N ASN D 91 -60.72 47.63 15.37
CA ASN D 91 -61.19 48.89 14.80
C ASN D 91 -62.63 48.74 14.30
N PRO D 92 -63.64 49.20 15.10
CA PRO D 92 -65.07 49.15 14.67
C PRO D 92 -65.38 49.87 13.31
N GLU D 93 -64.63 50.93 12.99
CA GLU D 93 -64.75 51.64 11.70
C GLU D 93 -64.42 50.72 10.51
N ALA D 94 -63.41 49.87 10.68
CA ALA D 94 -63.02 48.87 9.68
C ALA D 94 -64.05 47.73 9.59
N ALA D 95 -64.59 47.33 10.75
CA ALA D 95 -65.65 46.31 10.82
C ALA D 95 -66.92 46.80 10.11
N SER D 96 -67.34 48.03 10.48
CA SER D 96 -68.49 48.74 9.87
C SER D 96 -68.47 48.75 8.33
N ILE D 97 -67.28 48.97 7.75
CA ILE D 97 -67.09 48.95 6.28
C ILE D 97 -67.34 47.52 5.73
N LEU D 98 -66.82 46.50 6.43
CA LEU D 98 -67.03 45.08 6.05
C LEU D 98 -68.47 44.59 6.26
N GLU D 99 -69.22 45.19 7.20
CA GLU D 99 -70.65 44.84 7.42
C GLU D 99 -71.55 45.16 6.21
N ARG D 100 -71.17 46.14 5.38
CA ARG D 100 -71.92 46.46 4.16
C ARG D 100 -71.72 45.34 3.13
N LYS D 101 -70.45 44.97 2.89
CA LYS D 101 -70.12 43.83 2.01
C LYS D 101 -70.61 42.48 2.59
N TYR D 102 -70.62 42.36 3.93
CA TYR D 102 -71.03 41.14 4.63
C TYR D 102 -72.08 41.42 5.74
N PRO D 103 -73.37 41.59 5.38
CA PRO D 103 -74.45 41.85 6.40
C PRO D 103 -74.58 40.84 7.58
N PHE D 104 -74.35 39.55 7.33
CA PHE D 104 -74.47 38.48 8.38
C PHE D 104 -73.60 38.70 9.64
N THR D 105 -72.40 39.26 9.44
CA THR D 105 -71.39 39.60 10.50
C THR D 105 -71.95 40.58 11.61
N LYS D 106 -72.93 41.46 11.28
CA LYS D 106 -73.43 42.54 12.23
C LYS D 106 -73.64 42.04 13.69
N GLY D 107 -72.96 42.69 14.63
CA GLY D 107 -72.98 42.35 16.05
C GLY D 107 -72.43 40.99 16.41
N LYS D 108 -71.58 40.39 15.56
CA LYS D 108 -70.99 39.04 15.80
C LYS D 108 -69.47 38.98 15.55
N TRP D 109 -68.79 40.13 15.68
CA TRP D 109 -67.33 40.22 15.52
C TRP D 109 -66.59 39.81 16.78
N ASN D 110 -67.07 40.33 17.91
CA ASN D 110 -66.41 40.20 19.21
C ASN D 110 -67.03 39.15 20.14
N ILE D 111 -67.27 37.96 19.59
CA ILE D 111 -67.87 36.82 20.33
C ILE D 111 -66.99 35.55 20.22
N ASN D 112 -65.70 35.73 19.88
CA ASN D 112 -64.70 34.65 19.77
C ASN D 112 -65.05 33.55 18.73
N LYS D 113 -65.75 33.95 17.65
CA LYS D 113 -66.13 33.03 16.58
C LYS D 113 -65.36 33.30 15.31
N GLN D 114 -65.36 32.29 14.43
CA GLN D 114 -64.70 32.33 13.15
C GLN D 114 -65.70 32.83 12.14
N ILE D 115 -65.46 34.04 11.62
CA ILE D 115 -66.34 34.66 10.63
C ILE D 115 -65.94 34.06 9.29
N CYS D 116 -66.53 32.89 8.96
CA CYS D 116 -66.33 32.29 7.60
C CYS D 116 -67.08 33.19 6.61
N VAL D 117 -66.30 33.88 5.81
CA VAL D 117 -66.88 34.87 4.88
C VAL D 117 -67.18 34.28 3.44
N THR D 118 -66.52 33.16 3.08
CA THR D 118 -66.83 32.34 1.86
C THR D 118 -68.30 31.84 2.02
N THR D 119 -68.51 30.88 2.93
CA THR D 119 -69.82 30.34 3.21
C THR D 119 -70.31 31.28 4.29
N ARG D 120 -71.32 32.09 3.99
CA ARG D 120 -71.76 33.15 4.91
C ARG D 120 -72.35 32.60 6.24
N ARG D 121 -71.44 32.15 7.13
CA ARG D 121 -71.72 31.55 8.47
C ARG D 121 -70.76 32.04 9.50
N ILE D 122 -71.15 31.89 10.76
CA ILE D 122 -70.35 32.21 11.92
C ILE D 122 -70.38 30.96 12.79
N GLU D 123 -69.29 30.20 12.72
CA GLU D 123 -69.12 28.93 13.42
C GLU D 123 -67.93 28.99 14.36
N ASP D 124 -67.71 27.89 15.09
CA ASP D 124 -66.52 27.71 15.93
C ASP D 124 -65.30 27.54 15.01
N PHE D 125 -64.10 27.67 15.59
CA PHE D 125 -62.86 27.58 14.80
C PHE D 125 -62.72 26.23 14.06
N ASN D 126 -62.15 26.29 12.85
CA ASN D 126 -61.91 25.14 12.00
C ASN D 126 -60.56 25.34 11.29
N PRO D 127 -59.60 24.41 11.47
CA PRO D 127 -58.26 24.57 10.83
C PRO D 127 -58.25 24.67 9.29
N THR D 128 -59.23 24.04 8.65
CA THR D 128 -59.38 24.03 7.20
C THR D 128 -60.03 25.30 6.62
N THR D 129 -60.74 26.09 7.46
CA THR D 129 -61.46 27.33 7.01
C THR D 129 -60.58 28.60 6.97
N ASN D 130 -60.93 29.49 6.04
CA ASN D 130 -60.31 30.81 5.85
C ASN D 130 -58.80 30.79 5.59
N ILE D 131 -58.38 29.92 4.69
CA ILE D 131 -56.94 29.76 4.35
C ILE D 131 -56.43 30.99 3.56
N ILE D 132 -57.27 31.51 2.64
CA ILE D 132 -56.92 32.65 1.79
C ILE D 132 -57.87 33.84 2.08
N PRO D 133 -57.31 35.05 2.34
CA PRO D 133 -58.12 36.21 2.67
C PRO D 133 -58.90 36.74 1.45
N ALA D 134 -60.22 36.87 1.61
CA ALA D 134 -61.12 37.33 0.53
C ALA D 134 -60.84 38.74 0.02
N ASN D 135 -60.37 39.63 0.91
CA ASN D 135 -60.06 41.02 0.56
C ASN D 135 -58.80 41.19 -0.30
N ARG D 136 -57.79 40.33 -0.10
CA ARG D 136 -56.49 40.45 -0.78
C ARG D 136 -56.50 40.02 -2.23
N ARG D 137 -56.04 40.92 -3.12
CA ARG D 137 -55.84 40.61 -4.52
C ARG D 137 -54.46 39.98 -4.55
N LEU D 138 -54.40 38.69 -4.89
CA LEU D 138 -53.15 37.94 -4.90
C LEU D 138 -52.24 38.46 -6.04
N PRO D 139 -50.94 38.70 -5.75
CA PRO D 139 -50.06 39.27 -6.77
C PRO D 139 -49.73 38.35 -7.96
N HIS D 140 -49.91 37.03 -7.81
CA HIS D 140 -49.60 36.08 -8.90
C HIS D 140 -50.39 34.76 -8.76
N SER D 141 -50.21 33.87 -9.75
CA SER D 141 -50.89 32.59 -9.79
C SER D 141 -50.36 31.64 -8.75
N LEU D 142 -51.22 30.77 -8.24
CA LEU D 142 -50.85 29.72 -7.28
C LEU D 142 -51.16 28.40 -7.96
N VAL D 143 -51.02 27.29 -7.23
CA VAL D 143 -51.28 25.94 -7.75
C VAL D 143 -52.38 25.34 -6.89
N ALA D 144 -53.32 24.67 -7.54
CA ALA D 144 -54.47 24.06 -6.86
C ALA D 144 -54.10 22.86 -5.98
N GLU D 145 -53.02 22.13 -6.33
CA GLU D 145 -52.56 20.94 -5.55
C GLU D 145 -51.03 20.80 -5.57
N HIS D 146 -50.47 20.55 -4.40
CA HIS D 146 -49.02 20.34 -4.25
C HIS D 146 -48.67 18.99 -4.85
N ARG D 147 -47.56 18.97 -5.61
CA ARG D 147 -47.09 17.77 -6.31
C ARG D 147 -45.56 17.78 -6.33
N PRO D 148 -44.89 16.69 -5.85
CA PRO D 148 -43.41 16.68 -5.96
C PRO D 148 -42.92 16.66 -7.42
N VAL D 149 -41.67 17.05 -7.66
CA VAL D 149 -41.10 17.00 -9.04
C VAL D 149 -39.66 16.46 -8.89
N LYS D 150 -39.40 15.37 -9.62
CA LYS D 150 -38.10 14.75 -9.70
C LYS D 150 -37.30 15.64 -10.65
N GLY D 151 -36.65 16.64 -10.07
CA GLY D 151 -35.90 17.65 -10.83
C GLY D 151 -34.41 17.46 -10.98
N GLU D 152 -33.79 18.52 -11.47
CA GLU D 152 -32.34 18.60 -11.65
C GLU D 152 -31.65 19.00 -10.33
N ARG D 153 -30.33 18.92 -10.33
CA ARG D 153 -29.54 19.36 -9.19
C ARG D 153 -29.49 20.89 -9.15
N MET D 154 -29.51 21.44 -7.94
CA MET D 154 -29.45 22.93 -7.72
C MET D 154 -28.13 23.57 -8.16
N GLU D 155 -27.05 22.80 -8.09
CA GLU D 155 -25.71 23.23 -8.48
C GLU D 155 -25.71 23.84 -9.90
N TRP D 156 -26.50 23.22 -10.79
CA TRP D 156 -26.70 23.68 -12.18
C TRP D 156 -27.23 25.18 -12.20
N LEU D 157 -28.12 25.55 -11.27
CA LEU D 157 -28.60 26.96 -11.12
C LEU D 157 -27.55 27.88 -10.51
N VAL D 158 -26.91 27.42 -9.43
CA VAL D 158 -25.92 28.24 -8.69
C VAL D 158 -24.65 28.50 -9.52
N ASN D 159 -24.17 27.48 -10.23
CA ASN D 159 -22.98 27.61 -11.11
C ASN D 159 -23.17 28.62 -12.27
N LYS D 160 -24.42 28.83 -12.74
CA LYS D 160 -24.70 29.88 -13.74
C LYS D 160 -24.55 31.31 -13.20
N ILE D 161 -24.76 31.52 -11.90
CA ILE D 161 -24.76 32.87 -11.28
C ILE D 161 -23.34 33.31 -10.95
N ASN D 162 -22.98 34.53 -11.38
CA ASN D 162 -21.65 35.12 -11.10
C ASN D 162 -21.38 35.42 -9.64
N GLY D 163 -20.13 35.25 -9.23
CA GLY D 163 -19.66 35.52 -7.87
C GLY D 163 -18.86 34.34 -7.38
N HIS D 164 -17.58 34.57 -7.05
CA HIS D 164 -16.70 33.49 -6.60
C HIS D 164 -16.95 33.13 -5.12
N HIS D 165 -16.98 34.15 -4.26
CA HIS D 165 -17.18 33.97 -2.82
C HIS D 165 -18.66 33.77 -2.49
N VAL D 166 -19.03 32.52 -2.16
CA VAL D 166 -20.43 32.11 -1.88
C VAL D 166 -20.70 31.84 -0.38
N LEU D 167 -21.86 32.30 0.10
CA LEU D 167 -22.36 31.98 1.43
C LEU D 167 -23.57 31.10 1.20
N LEU D 168 -23.52 29.86 1.69
CA LEU D 168 -24.63 28.93 1.58
C LEU D 168 -25.27 28.85 2.94
N VAL D 169 -26.56 29.19 3.01
CA VAL D 169 -27.37 29.05 4.21
C VAL D 169 -28.25 27.86 3.85
N SER D 170 -28.00 26.70 4.50
CA SER D 170 -28.71 25.46 4.15
C SER D 170 -28.59 24.35 5.19
N GLY D 171 -29.57 23.44 5.17
CA GLY D 171 -29.55 22.25 6.00
C GLY D 171 -28.57 21.20 5.47
N TYR D 172 -28.23 21.29 4.18
CA TYR D 172 -27.31 20.38 3.48
C TYR D 172 -26.37 21.14 2.54
N ASN D 173 -25.23 20.53 2.24
CA ASN D 173 -24.19 21.16 1.40
C ASN D 173 -24.37 20.88 -0.09
N LEU D 174 -23.80 21.76 -0.92
CA LEU D 174 -23.79 21.61 -2.39
C LEU D 174 -22.36 21.43 -2.87
N ALA D 175 -22.22 20.82 -4.05
CA ALA D 175 -20.91 20.60 -4.69
C ALA D 175 -20.67 21.76 -5.67
N LEU D 176 -19.85 22.74 -5.26
CA LEU D 176 -19.53 23.91 -6.07
C LEU D 176 -18.01 24.03 -6.19
N PRO D 177 -17.38 23.27 -7.14
CA PRO D 177 -15.90 23.30 -7.28
C PRO D 177 -15.32 24.66 -7.74
N THR D 178 -16.04 25.32 -8.65
CA THR D 178 -15.66 26.64 -9.16
C THR D 178 -15.83 27.80 -8.15
N LYS D 179 -16.61 27.55 -7.06
CA LYS D 179 -16.90 28.54 -6.03
C LYS D 179 -16.13 28.32 -4.71
N ARG D 180 -15.88 29.42 -3.96
CA ARG D 180 -15.26 29.37 -2.63
C ARG D 180 -16.42 29.49 -1.63
N VAL D 181 -16.91 28.34 -1.17
CA VAL D 181 -18.11 28.25 -0.33
C VAL D 181 -17.82 28.30 1.18
N THR D 182 -18.62 29.11 1.90
CA THR D 182 -18.68 29.17 3.35
C THR D 182 -20.09 28.65 3.68
N TRP D 183 -20.21 27.42 4.18
CA TRP D 183 -21.52 26.80 4.48
C TRP D 183 -21.98 27.02 5.95
N VAL D 184 -23.10 27.76 6.08
CA VAL D 184 -23.79 28.03 7.34
C VAL D 184 -24.98 27.08 7.40
N ALA D 185 -25.25 26.50 8.58
CA ALA D 185 -26.32 25.48 8.75
C ALA D 185 -27.04 25.57 10.10
N PRO D 186 -28.28 24.97 10.21
CA PRO D 186 -28.96 24.97 11.50
C PRO D 186 -28.19 24.13 12.53
N LEU D 187 -28.46 24.37 13.82
CA LEU D 187 -27.73 23.70 14.92
C LEU D 187 -27.85 22.18 14.83
N GLY D 188 -26.81 21.49 15.29
CA GLY D 188 -26.75 20.01 15.24
C GLY D 188 -26.30 19.41 13.90
N VAL D 189 -26.12 20.24 12.85
CA VAL D 189 -25.63 19.78 11.55
C VAL D 189 -24.10 19.77 11.62
N ARG D 190 -23.50 18.67 11.17
CA ARG D 190 -22.05 18.45 11.12
C ARG D 190 -21.62 18.61 9.67
N GLY D 191 -20.34 18.92 9.49
CA GLY D 191 -19.74 19.16 8.17
C GLY D 191 -19.79 20.60 7.69
N ALA D 192 -20.40 21.50 8.47
CA ALA D 192 -20.55 22.91 8.09
C ALA D 192 -19.45 23.77 8.68
N ASP D 193 -19.23 24.91 8.04
CA ASP D 193 -18.25 25.89 8.49
C ASP D 193 -18.77 26.58 9.75
N TYR D 194 -20.06 26.91 9.78
CA TYR D 194 -20.69 27.52 10.97
C TYR D 194 -22.09 26.95 11.17
N THR D 195 -22.53 26.98 12.43
CA THR D 195 -23.89 26.58 12.81
C THR D 195 -24.50 27.70 13.65
N TYR D 196 -25.76 28.05 13.35
CA TYR D 196 -26.52 29.09 14.04
C TYR D 196 -27.98 28.75 14.11
N ASN D 197 -28.67 29.26 15.15
CA ASN D 197 -30.10 29.10 15.25
C ASN D 197 -30.66 30.06 14.23
N LEU D 198 -31.02 29.53 13.06
CA LEU D 198 -31.50 30.36 11.93
C LEU D 198 -32.86 31.08 12.18
N GLU D 199 -33.64 30.64 13.21
CA GLU D 199 -34.86 31.38 13.61
C GLU D 199 -34.52 32.70 14.35
N LEU D 200 -33.21 33.01 14.56
CA LEU D 200 -32.74 34.29 15.09
C LEU D 200 -31.99 35.12 14.01
N GLY D 201 -32.05 34.69 12.75
CA GLY D 201 -31.38 35.37 11.62
C GLY D 201 -29.97 34.90 11.29
N LEU D 202 -29.23 35.76 10.58
CA LEU D 202 -27.84 35.53 10.17
C LEU D 202 -27.00 36.65 10.74
N PRO D 203 -25.93 36.31 11.52
CA PRO D 203 -25.13 37.39 12.14
C PRO D 203 -24.20 38.07 11.13
N ALA D 204 -24.13 39.42 11.22
CA ALA D 204 -23.25 40.25 10.36
C ALA D 204 -21.75 39.83 10.40
N THR D 205 -21.31 39.24 11.53
CA THR D 205 -19.94 38.69 11.71
C THR D 205 -19.47 37.73 10.58
N LEU D 206 -20.42 37.04 9.91
CA LEU D 206 -20.14 36.19 8.74
C LEU D 206 -19.41 36.86 7.55
N GLY D 207 -19.51 38.19 7.44
CA GLY D 207 -18.81 38.94 6.38
C GLY D 207 -19.61 39.07 5.12
N ARG D 208 -19.04 39.78 4.15
CA ARG D 208 -19.69 40.07 2.86
C ARG D 208 -19.20 39.13 1.76
N TYR D 209 -20.13 38.75 0.88
CA TYR D 209 -19.91 37.77 -0.19
C TYR D 209 -20.43 38.24 -1.53
N ASP D 210 -19.96 37.58 -2.59
CA ASP D 210 -20.37 37.87 -3.97
C ASP D 210 -21.76 37.28 -4.25
N LEU D 211 -22.00 36.06 -3.76
CA LEU D 211 -23.29 35.35 -3.90
C LEU D 211 -23.74 34.80 -2.55
N VAL D 212 -24.95 35.17 -2.11
CA VAL D 212 -25.56 34.63 -0.88
C VAL D 212 -26.68 33.71 -1.38
N VAL D 213 -26.71 32.48 -0.86
CA VAL D 213 -27.68 31.45 -1.29
C VAL D 213 -28.53 30.99 -0.07
N ILE D 214 -29.76 31.49 0.02
CA ILE D 214 -30.68 31.11 1.10
C ILE D 214 -31.44 29.90 0.59
N ASN D 215 -31.11 28.75 1.14
CA ASN D 215 -31.63 27.47 0.70
C ASN D 215 -32.29 26.70 1.84
N ILE D 216 -33.23 27.35 2.52
CA ILE D 216 -34.02 26.73 3.59
C ILE D 216 -35.39 26.41 3.00
N HIS D 217 -35.85 25.19 3.27
CA HIS D 217 -37.14 24.68 2.83
C HIS D 217 -38.19 24.96 3.90
N THR D 218 -39.45 24.86 3.50
CA THR D 218 -40.62 25.05 4.37
C THR D 218 -41.61 23.97 3.97
N PRO D 219 -41.92 23.01 4.88
CA PRO D 219 -42.86 21.94 4.54
C PRO D 219 -44.19 22.45 4.03
N PHE D 220 -44.77 21.73 3.06
CA PHE D 220 -46.08 22.07 2.54
C PHE D 220 -47.15 21.63 3.52
N ARG D 221 -48.18 22.45 3.64
CA ARG D 221 -49.39 22.10 4.39
C ARG D 221 -50.56 22.89 3.80
N ILE D 222 -51.71 22.24 3.69
CA ILE D 222 -52.99 22.85 3.26
C ILE D 222 -53.05 23.37 1.79
N HIS D 223 -52.26 24.40 1.48
CA HIS D 223 -52.32 25.05 0.16
C HIS D 223 -51.04 25.85 -0.16
N HIS D 224 -50.84 26.22 -1.44
CA HIS D 224 -49.69 27.06 -1.91
C HIS D 224 -49.61 28.33 -1.06
N TYR D 225 -50.68 29.12 -1.03
CA TYR D 225 -50.80 30.33 -0.18
C TYR D 225 -50.29 30.14 1.24
N GLN D 226 -50.68 29.03 1.87
CA GLN D 226 -50.24 28.69 3.25
C GLN D 226 -48.73 28.41 3.33
N GLN D 227 -48.17 27.80 2.27
CA GLN D 227 -46.72 27.54 2.20
C GLN D 227 -45.92 28.86 2.11
N CYS D 228 -46.50 29.88 1.44
CA CYS D 228 -45.89 31.24 1.43
C CYS D 228 -45.98 31.85 2.82
N VAL D 229 -47.13 31.69 3.47
CA VAL D 229 -47.35 32.19 4.84
C VAL D 229 -46.35 31.57 5.81
N ASP D 230 -46.21 30.24 5.76
CA ASP D 230 -45.27 29.51 6.62
C ASP D 230 -43.80 29.89 6.33
N HIS D 231 -43.48 30.14 5.07
CA HIS D 231 -42.13 30.53 4.65
C HIS D 231 -41.81 32.04 4.89
N ALA D 232 -42.86 32.88 4.96
CA ALA D 232 -42.75 34.37 5.16
C ALA D 232 -41.72 34.85 6.18
N MET D 233 -41.71 34.24 7.37
CA MET D 233 -40.76 34.66 8.42
C MET D 233 -39.30 34.34 8.05
N LYS D 234 -39.06 33.29 7.26
CA LYS D 234 -37.67 32.95 6.81
C LYS D 234 -37.20 34.00 5.83
N LEU D 235 -38.07 34.40 4.88
CA LEU D 235 -37.77 35.52 3.95
C LEU D 235 -37.39 36.79 4.69
N GLN D 236 -38.21 37.13 5.68
CA GLN D 236 -38.02 38.34 6.51
C GLN D 236 -36.68 38.34 7.21
N MET D 237 -36.40 37.23 7.86
CA MET D 237 -35.21 37.06 8.69
C MET D 237 -33.96 36.83 7.88
N LEU D 238 -33.92 35.74 7.12
CA LEU D 238 -32.73 35.35 6.37
C LEU D 238 -32.50 36.24 5.15
N GLY D 239 -33.55 36.57 4.42
CA GLY D 239 -33.44 37.49 3.26
C GLY D 239 -33.01 38.89 3.67
N GLY D 240 -33.61 39.42 4.73
CA GLY D 240 -33.28 40.75 5.27
C GLY D 240 -31.88 40.82 5.83
N ASP D 241 -31.53 39.84 6.67
CA ASP D 241 -30.18 39.77 7.28
C ASP D 241 -29.05 39.52 6.27
N SER D 242 -29.39 38.95 5.11
CA SER D 242 -28.43 38.78 4.01
C SER D 242 -27.94 40.12 3.42
N LEU D 243 -28.73 41.19 3.55
CA LEU D 243 -28.35 42.55 3.03
C LEU D 243 -27.00 43.08 3.58
N ARG D 244 -26.67 42.75 4.85
CA ARG D 244 -25.35 43.10 5.47
C ARG D 244 -24.22 42.06 5.19
N LEU D 245 -24.52 41.05 4.37
CA LEU D 245 -23.61 39.98 3.98
C LEU D 245 -23.36 39.98 2.45
N LEU D 246 -23.47 41.17 1.82
CA LEU D 246 -23.28 41.32 0.37
C LEU D 246 -22.26 42.40 0.03
N LYS D 247 -21.24 42.02 -0.76
CA LYS D 247 -20.27 42.97 -1.25
C LYS D 247 -20.92 43.79 -2.36
N PRO D 248 -20.37 45.00 -2.67
CA PRO D 248 -20.93 45.80 -3.78
C PRO D 248 -20.96 45.01 -5.07
N GLY D 249 -22.11 45.02 -5.74
CA GLY D 249 -22.32 44.26 -6.96
C GLY D 249 -22.65 42.79 -6.78
N GLY D 250 -22.87 42.35 -5.52
CA GLY D 250 -23.18 40.96 -5.22
C GLY D 250 -24.63 40.61 -5.49
N SER D 251 -24.95 39.31 -5.38
CA SER D 251 -26.30 38.78 -5.65
C SER D 251 -26.84 37.91 -4.49
N LEU D 252 -28.18 37.85 -4.40
CA LEU D 252 -28.90 37.09 -3.38
C LEU D 252 -29.88 36.16 -4.05
N LEU D 253 -29.62 34.85 -3.94
CA LEU D 253 -30.49 33.78 -4.46
C LEU D 253 -31.23 33.21 -3.25
N ILE D 254 -32.57 33.14 -3.34
CA ILE D 254 -33.41 32.64 -2.23
C ILE D 254 -34.41 31.60 -2.69
N ARG D 255 -34.30 30.37 -2.16
CA ARG D 255 -35.31 29.33 -2.40
C ARG D 255 -36.55 29.79 -1.65
N ALA D 256 -37.68 29.80 -2.34
CA ALA D 256 -38.95 30.24 -1.75
C ALA D 256 -40.14 29.64 -2.51
N TYR D 257 -41.36 30.13 -2.24
CA TYR D 257 -42.59 29.61 -2.84
C TYR D 257 -43.47 30.70 -3.46
N GLY D 258 -42.89 31.88 -3.70
CA GLY D 258 -43.61 33.07 -4.16
C GLY D 258 -43.73 34.08 -3.02
N TYR D 259 -44.60 35.05 -3.23
CA TYR D 259 -44.95 36.09 -2.27
C TYR D 259 -46.47 36.35 -2.27
N ALA D 260 -47.24 35.25 -2.16
CA ALA D 260 -48.73 35.29 -2.23
C ALA D 260 -49.39 36.09 -1.13
N ASP D 261 -48.85 35.96 0.09
CA ASP D 261 -49.37 36.65 1.27
C ASP D 261 -48.76 38.05 1.44
N ARG D 262 -49.50 38.88 2.18
CA ARG D 262 -49.12 40.28 2.51
C ARG D 262 -47.68 40.48 3.03
N THR D 263 -47.25 39.62 3.95
CA THR D 263 -45.93 39.70 4.60
C THR D 263 -44.80 39.41 3.63
N SER D 264 -44.93 38.33 2.85
CA SER D 264 -43.90 37.96 1.88
C SER D 264 -43.73 39.04 0.82
N GLU D 265 -44.84 39.56 0.29
CA GLU D 265 -44.77 40.65 -0.71
C GLU D 265 -44.06 41.93 -0.18
N ARG D 266 -44.22 42.24 1.12
CA ARG D 266 -43.52 43.39 1.75
C ARG D 266 -42.03 43.20 1.74
N VAL D 267 -41.59 42.00 2.18
CA VAL D 267 -40.16 41.65 2.23
C VAL D 267 -39.52 41.82 0.86
N ILE D 268 -40.17 41.25 -0.15
CA ILE D 268 -39.67 41.32 -1.55
C ILE D 268 -39.55 42.77 -2.05
N CYS D 269 -40.51 43.63 -1.68
CA CYS D 269 -40.44 45.06 -2.03
C CYS D 269 -39.25 45.76 -1.33
N VAL D 270 -38.99 45.41 -0.07
CA VAL D 270 -37.84 45.97 0.68
C VAL D 270 -36.52 45.53 0.02
N LEU D 271 -36.41 44.23 -0.31
CA LEU D 271 -35.18 43.66 -0.95
C LEU D 271 -34.95 44.21 -2.36
N GLY D 272 -36.00 44.18 -3.19
CA GLY D 272 -35.95 44.69 -4.59
C GLY D 272 -35.41 46.10 -4.83
N ARG D 273 -35.54 46.97 -3.84
CA ARG D 273 -35.02 48.35 -3.90
C ARG D 273 -33.48 48.48 -3.85
N LYS D 274 -32.79 47.42 -3.39
CA LYS D 274 -31.31 47.45 -3.21
C LYS D 274 -30.44 46.82 -4.30
N PHE D 275 -31.09 46.22 -5.31
CA PHE D 275 -30.43 45.51 -6.39
C PHE D 275 -30.78 46.15 -7.74
N ARG D 276 -29.84 46.10 -8.69
CA ARG D 276 -30.04 46.68 -10.04
C ARG D 276 -31.23 46.04 -10.73
N SER D 277 -31.31 44.72 -10.65
CA SER D 277 -32.44 43.95 -11.18
C SER D 277 -32.81 42.83 -10.19
N SER D 278 -34.08 42.43 -10.24
CA SER D 278 -34.63 41.39 -9.39
C SER D 278 -35.48 40.46 -10.27
N ARG D 279 -35.24 39.15 -10.16
CA ARG D 279 -35.92 38.13 -10.99
C ARG D 279 -36.51 37.00 -10.15
N ALA D 280 -37.66 36.49 -10.59
CA ALA D 280 -38.33 35.33 -9.99
C ALA D 280 -38.22 34.17 -10.98
N LEU D 281 -37.47 33.14 -10.58
CA LEU D 281 -37.18 31.96 -11.42
C LEU D 281 -37.98 30.74 -11.01
N LYS D 282 -38.20 29.82 -11.97
CA LYS D 282 -38.78 28.49 -11.73
C LYS D 282 -37.97 27.53 -12.61
N PRO D 283 -36.72 27.25 -12.21
CA PRO D 283 -35.85 26.42 -13.03
C PRO D 283 -36.10 24.93 -12.86
N PRO D 284 -35.48 24.08 -13.71
CA PRO D 284 -35.54 22.61 -13.58
C PRO D 284 -35.09 22.00 -12.23
N CYS D 285 -34.30 22.73 -11.42
CA CYS D 285 -33.79 22.21 -10.13
C CYS D 285 -34.74 22.36 -8.89
N VAL D 286 -36.05 22.54 -9.12
CA VAL D 286 -37.05 22.59 -8.04
C VAL D 286 -37.42 21.17 -7.57
N THR D 287 -37.82 21.06 -6.29
CA THR D 287 -38.27 19.77 -5.68
C THR D 287 -39.82 19.64 -5.62
N SER D 288 -40.56 20.68 -6.03
CA SER D 288 -42.03 20.62 -6.02
C SER D 288 -42.71 21.63 -6.95
N ASN D 289 -43.99 21.39 -7.11
CA ASN D 289 -44.92 22.20 -7.88
C ASN D 289 -44.95 23.69 -7.48
N THR D 290 -44.87 23.90 -6.14
CA THR D 290 -44.93 25.21 -5.49
C THR D 290 -43.62 26.01 -5.36
N GLU D 291 -42.46 25.40 -5.65
CA GLU D 291 -41.16 26.08 -5.46
C GLU D 291 -40.78 27.05 -6.55
N MET D 292 -39.90 27.97 -6.15
CA MET D 292 -39.35 29.00 -7.02
C MET D 292 -38.11 29.59 -6.35
N PHE D 293 -37.30 30.31 -7.12
CA PHE D 293 -36.12 31.00 -6.58
C PHE D 293 -36.18 32.48 -6.92
N PHE D 294 -35.87 33.33 -5.93
CA PHE D 294 -35.73 34.77 -6.15
C PHE D 294 -34.26 35.00 -6.44
N LEU D 295 -33.93 35.63 -7.56
CA LEU D 295 -32.55 36.03 -7.87
C LEU D 295 -32.48 37.55 -7.88
N PHE D 296 -31.92 38.12 -6.81
CA PHE D 296 -31.68 39.55 -6.69
C PHE D 296 -30.26 39.74 -7.15
N SER D 297 -30.05 40.52 -8.23
CA SER D 297 -28.72 40.71 -8.85
C SER D 297 -28.15 42.12 -8.78
N ASN D 298 -26.84 42.21 -8.55
CA ASN D 298 -26.09 43.46 -8.55
C ASN D 298 -26.54 44.44 -7.42
N PHE D 299 -26.11 44.11 -6.21
CA PHE D 299 -26.40 44.85 -4.97
C PHE D 299 -25.66 46.18 -4.89
N ASP D 300 -26.40 47.27 -4.65
CA ASP D 300 -25.81 48.62 -4.39
C ASP D 300 -26.25 49.25 -3.05
N ASN D 301 -27.05 48.53 -2.24
CA ASN D 301 -27.63 49.02 -0.97
C ASN D 301 -28.43 50.32 -1.16
N GLY D 302 -29.03 50.48 -2.34
CA GLY D 302 -29.74 51.69 -2.70
C GLY D 302 -31.18 51.62 -2.30
N ARG D 303 -31.93 52.57 -2.87
CA ARG D 303 -33.37 52.68 -2.65
C ARG D 303 -33.94 53.23 -3.93
N ARG D 304 -34.27 52.32 -4.84
CA ARG D 304 -34.84 52.67 -6.16
C ARG D 304 -36.31 52.33 -6.15
N ASN D 305 -37.02 52.81 -7.17
CA ASN D 305 -38.43 52.47 -7.35
C ASN D 305 -38.50 51.00 -7.70
N PHE D 306 -39.33 50.26 -6.98
CA PHE D 306 -39.51 48.83 -7.26
C PHE D 306 -40.95 48.41 -7.00
N THR D 307 -41.56 47.78 -8.02
CA THR D 307 -42.88 47.19 -7.94
C THR D 307 -42.73 45.73 -8.28
N THR D 308 -43.67 44.92 -7.79
CA THR D 308 -43.69 43.48 -8.08
C THR D 308 -44.25 43.14 -9.51
N HIS D 309 -44.75 44.14 -10.27
CA HIS D 309 -45.33 43.98 -11.65
C HIS D 309 -44.53 43.00 -12.57
N VAL D 310 -43.19 43.11 -12.57
CA VAL D 310 -42.31 42.24 -13.40
C VAL D 310 -42.31 40.79 -12.93
N MET D 311 -42.07 40.59 -11.63
CA MET D 311 -42.08 39.23 -11.05
C MET D 311 -43.47 38.59 -11.07
N ASN D 312 -44.53 39.40 -10.98
CA ASN D 312 -45.92 38.91 -11.05
C ASN D 312 -46.15 38.15 -12.33
N ASN D 313 -45.78 38.79 -13.45
CA ASN D 313 -45.89 38.18 -14.80
C ASN D 313 -44.98 36.97 -14.98
N GLN D 314 -43.80 37.02 -14.38
CA GLN D 314 -42.86 35.87 -14.38
C GLN D 314 -43.47 34.68 -13.66
N LEU D 315 -43.97 34.92 -12.44
CA LEU D 315 -44.60 33.87 -11.63
C LEU D 315 -45.96 33.39 -12.20
N ASN D 316 -46.67 34.24 -12.94
CA ASN D 316 -47.89 33.82 -13.63
C ASN D 316 -47.56 32.72 -14.67
N ALA D 317 -46.47 32.91 -15.41
CA ALA D 317 -45.97 31.89 -16.35
C ALA D 317 -45.43 30.64 -15.62
N ALA D 318 -44.71 30.85 -14.52
CA ALA D 318 -44.13 29.75 -13.71
C ALA D 318 -45.17 28.84 -13.06
N PHE D 319 -46.14 29.45 -12.36
CA PHE D 319 -47.21 28.70 -11.67
C PHE D 319 -48.50 28.58 -12.52
N VAL D 320 -48.67 27.40 -13.08
CA VAL D 320 -49.84 26.99 -13.81
C VAL D 320 -49.82 25.49 -13.46
N GLY D 321 -50.84 25.08 -12.76
CA GLY D 321 -50.77 23.74 -12.12
C GLY D 321 -51.42 23.87 -10.77
#